data_9LUE
#
_entry.id   9LUE
#
_cell.length_a   1.00
_cell.length_b   1.00
_cell.length_c   1.00
_cell.angle_alpha   90.00
_cell.angle_beta   90.00
_cell.angle_gamma   90.00
#
_symmetry.space_group_name_H-M   'P 1'
#
loop_
_entity.id
_entity.type
_entity.pdbx_description
1 polymer 'Glycoprotein G'
2 polymer 'NIV LN3D3 Fab Light Chain'
3 polymer 'NiV S2B10 Fab Heavy Chain'
4 polymer 'NiV S2B10 Fab Light Chain'
5 polymer 'NiV S1E2 Fab Heavy Chain'
6 polymer 'NiV S1E2 Fab Light Chain'
7 polymer 'NIV LN3D3 Fab Heavy Chain'
8 non-polymer 2-acetamido-2-deoxy-beta-D-glucopyranose
#
loop_
_entity_poly.entity_id
_entity_poly.type
_entity_poly.pdbx_seq_one_letter_code
_entity_poly.pdbx_strand_id
1 'polypeptide(L)'
;GVSNLVGLPNNICLQKTSNQILKPKLISYTLPVVGQSGTCITDPLLAMDEGYFAYSHLERIGSCSRGVSKQRIIGVGEVL
DRGDEVPSLFMTNVWTPPNPNTVYHCSAVYNNEFYYVLCAVSTVGDPILNSTYWSGSLMMTRLAVKPKSNGGGYNQHQLA
LRSIEKGRYDKVMPYGPSGIKQGDTLYFPAVGFLVRTEFKYNDSNCPITKCQYSKPENCRLSMGIRPNSHYILRSGLLKY
NLSDGENPKVVFIEISDQRLSIGSPSKIYDSLGQPVFYQASFSWDTMIKFGDVLTVNPLVVNWRNNTVISRPGQSQCPRF
NTCPEICWEGVYNDAFLIDRINWISAGVFLDSNQTAENPVFTVFKDNEILYRAQLASEDTNAQKTITNCFLLKNKIWCIS
LVEIYDTGDNVIRPKLFAVKIPEQCT
;
G
2 'polypeptide(L)'
;EIQMTQSPATLSVTPGDSVSLSCRASQSISNNLHWYQQKSHESPRLLIKYASQSISGIPSRFSGSGSGTDFTLSINNLET
EDFGMYFCQHSDSWPFTFGSGTKLEIK
;
L
3 'polypeptide(L)'
;QMQLQESGPGLVKPSQSLSLTCTVTGYSITSDYAWNWIRQFPRNKLEWMGFITYSGSTSYNPSLKSRISLTRDTSKNQFF
LQLSSVTTEDTATYYCARSGANWDWFAYWGQGTLVTVSA
;
A
4 'polypeptide(L)'
;DIQMTQSPASLAVSLGQRATISCRASESVDNYGNSFMHWYQQKPGQPPKLLIYRASKLESGIPARFSGSGSRTDFTLTIN
PVEADDVATYHCQQSNEDPWTFGGGTKLEIK
;
B
5 'polypeptide(L)'
;QMQLQESGPGLVKPSQSLSLTCSVTGYSITSGYYWNWIRQFSGNKLEWMGYINHDGSKNYNPSLKNRISITRDTSKNQFF
LKLNSVTTEDTATYYCARDYGSYYYPMDYWGQGTSVTVSS
;
C
6 'polypeptide(L)'
;EIVLTQSPPIMSASPGEKVTITCSASSSVTFMHWFQQKPGTSPKLWIFSTSNLASGVPARFSGSGSGTSYSLTISRMEAE
DAATYYCQQRSSYPFTFGSGTKLEIK
;
D
7 'polypeptide(L)'
;EVKLEESGPELVKPGASVKMSCKASGYTFTNYVMHWVKQKPGQGLEWIGYVNPYNDGTQYNEKFRDKATLTSDKSSSTVY
MELNSLTSEDSAVYYCTRGDYPYWVFEVWGAGTTVTVSS
;
H
#
# COMPACT_ATOMS: atom_id res chain seq x y z
N GLY A 1 15.93 -3.67 -18.15
CA GLY A 1 17.17 -3.96 -17.49
C GLY A 1 17.19 -3.54 -16.03
N VAL A 2 16.02 -3.19 -15.51
CA VAL A 2 15.89 -2.77 -14.13
C VAL A 2 15.97 -3.98 -13.22
N SER A 3 16.87 -3.93 -12.24
CA SER A 3 17.02 -4.98 -11.24
C SER A 3 16.88 -4.37 -9.85
N ASN A 4 16.91 -5.25 -8.84
CA ASN A 4 16.83 -4.79 -7.47
C ASN A 4 18.13 -4.12 -7.03
N LEU A 5 18.06 -3.39 -5.92
CA LEU A 5 19.22 -2.69 -5.39
C LEU A 5 20.04 -3.66 -4.55
N VAL A 6 21.20 -4.05 -5.05
CA VAL A 6 22.12 -4.95 -4.38
C VAL A 6 23.55 -4.47 -4.63
N GLY A 7 24.51 -5.16 -4.02
CA GLY A 7 25.91 -4.90 -4.27
C GLY A 7 26.43 -3.68 -3.52
N LEU A 8 27.69 -3.36 -3.81
CA LEU A 8 28.33 -2.20 -3.20
C LEU A 8 27.95 -0.92 -3.94
N PRO A 9 27.95 0.22 -3.25
CA PRO A 9 27.77 1.49 -3.95
C PRO A 9 28.96 1.81 -4.82
N ASN A 10 28.72 2.06 -6.11
CA ASN A 10 29.80 2.33 -7.04
C ASN A 10 29.40 3.49 -7.94
N ASN A 11 30.32 4.45 -8.09
CA ASN A 11 30.22 5.55 -9.06
C ASN A 11 28.99 6.43 -8.81
N ILE A 12 28.88 6.94 -7.59
CA ILE A 12 27.84 7.91 -7.26
C ILE A 12 28.44 9.06 -6.44
N CYS A 13 27.57 9.94 -5.94
CA CYS A 13 27.95 10.98 -4.99
C CYS A 13 27.21 10.73 -3.69
N LEU A 14 27.96 10.59 -2.60
CA LEU A 14 27.41 10.35 -1.28
C LEU A 14 28.02 11.29 -0.25
N GLN A 15 28.40 12.48 -0.69
CA GLN A 15 28.95 13.52 0.17
C GLN A 15 28.07 14.75 0.08
N LYS A 16 28.15 15.59 1.11
CA LYS A 16 27.30 16.78 1.18
C LYS A 16 27.81 17.83 0.20
N THR A 17 26.94 18.24 -0.72
CA THR A 17 27.27 19.25 -1.73
C THR A 17 26.13 20.25 -1.82
N SER A 18 26.49 21.51 -2.03
CA SER A 18 25.51 22.58 -2.21
C SER A 18 25.19 22.83 -3.68
N ASN A 19 25.85 22.14 -4.61
CA ASN A 19 25.59 22.33 -6.02
C ASN A 19 24.33 21.57 -6.44
N GLN A 20 23.77 21.97 -7.58
CA GLN A 20 22.58 21.33 -8.14
C GLN A 20 22.99 20.11 -8.94
N ILE A 21 23.37 19.06 -8.19
CA ILE A 21 23.88 17.82 -8.78
C ILE A 21 22.79 16.81 -9.10
N LEU A 22 21.56 17.03 -8.65
CA LEU A 22 20.45 16.11 -8.88
C LEU A 22 19.61 16.63 -10.04
N LYS A 23 19.32 15.76 -11.00
CA LYS A 23 18.53 16.11 -12.19
C LYS A 23 17.32 15.18 -12.25
N PRO A 24 16.21 15.54 -11.62
CA PRO A 24 14.99 14.75 -11.77
C PRO A 24 14.40 14.86 -13.16
N LYS A 25 13.71 13.81 -13.57
CA LYS A 25 13.06 13.76 -14.88
C LYS A 25 11.58 13.40 -14.69
N LEU A 26 10.72 14.05 -15.46
CA LEU A 26 9.27 13.85 -15.35
C LEU A 26 8.87 12.66 -16.20
N ILE A 27 8.82 11.48 -15.58
CA ILE A 27 8.36 10.28 -16.26
C ILE A 27 6.87 10.14 -16.02
N SER A 28 6.22 9.27 -16.81
CA SER A 28 4.81 9.00 -16.65
C SER A 28 4.54 7.52 -16.97
N TYR A 29 3.60 6.93 -16.24
CA TYR A 29 3.23 5.54 -16.50
C TYR A 29 2.38 5.41 -17.76
N THR A 30 1.76 6.49 -18.22
CA THR A 30 1.00 6.48 -19.47
C THR A 30 1.04 7.87 -20.07
N LEU A 31 0.80 7.94 -21.37
CA LEU A 31 0.71 9.23 -22.04
C LEU A 31 -0.61 9.91 -21.66
N PRO A 32 -0.58 11.20 -21.31
CA PRO A 32 -1.84 11.90 -21.01
C PRO A 32 -2.72 12.03 -22.25
N VAL A 33 -4.01 11.83 -22.05
CA VAL A 33 -4.98 11.89 -23.14
C VAL A 33 -5.31 13.36 -23.42
N VAL A 34 -5.26 13.74 -24.69
CA VAL A 34 -5.45 15.13 -25.09
C VAL A 34 -6.94 15.48 -24.99
N GLY A 35 -7.21 16.72 -24.59
CA GLY A 35 -8.58 17.20 -24.47
C GLY A 35 -9.38 16.55 -23.36
N GLN A 36 -8.73 16.25 -22.24
CA GLN A 36 -9.41 15.63 -21.10
C GLN A 36 -8.94 16.31 -19.82
N SER A 37 -9.89 16.62 -18.94
CA SER A 37 -9.59 17.33 -17.70
C SER A 37 -10.74 17.08 -16.72
N GLY A 38 -10.76 17.85 -15.64
CA GLY A 38 -11.86 17.82 -14.70
C GLY A 38 -12.02 16.54 -13.90
N THR A 39 -10.91 15.91 -13.52
CA THR A 39 -10.95 14.78 -12.62
C THR A 39 -9.73 14.81 -11.71
N CYS A 40 -9.90 14.26 -10.50
CA CYS A 40 -8.89 14.32 -9.46
C CYS A 40 -8.48 12.91 -9.06
N ILE A 41 -7.18 12.69 -8.93
CA ILE A 41 -6.64 11.38 -8.61
C ILE A 41 -6.23 11.37 -7.13
N THR A 42 -6.80 10.44 -6.37
CA THR A 42 -6.52 10.32 -4.94
C THR A 42 -6.13 8.88 -4.61
N ASP A 43 -5.69 8.71 -3.36
CA ASP A 43 -5.17 7.45 -2.80
C ASP A 43 -4.21 6.70 -3.73
N PRO A 44 -3.08 7.30 -4.11
CA PRO A 44 -2.17 6.61 -5.02
C PRO A 44 -1.37 5.53 -4.31
N LEU A 45 -0.94 4.55 -5.11
CA LEU A 45 -0.21 3.38 -4.64
C LEU A 45 0.84 3.08 -5.68
N LEU A 46 2.11 3.15 -5.30
CA LEU A 46 3.21 2.80 -6.20
C LEU A 46 4.12 1.84 -5.45
N ALA A 47 4.29 0.65 -6.00
CA ALA A 47 5.15 -0.36 -5.40
C ALA A 47 6.06 -0.93 -6.47
N MET A 48 7.29 -1.23 -6.08
CA MET A 48 8.36 -1.61 -7.00
C MET A 48 9.10 -2.82 -6.46
N ASP A 49 9.36 -3.79 -7.33
CA ASP A 49 10.09 -5.00 -6.95
C ASP A 49 10.59 -5.71 -8.21
N GLU A 50 11.90 -5.96 -8.28
CA GLU A 50 12.55 -6.78 -9.31
C GLU A 50 12.19 -6.34 -10.73
N GLY A 51 12.20 -5.04 -10.97
CA GLY A 51 11.89 -4.52 -12.29
C GLY A 51 10.42 -4.44 -12.62
N TYR A 52 9.55 -4.82 -11.70
CA TYR A 52 8.12 -4.74 -11.90
C TYR A 52 7.52 -3.71 -10.95
N PHE A 53 6.39 -3.14 -11.34
CA PHE A 53 5.73 -2.15 -10.51
C PHE A 53 4.24 -2.42 -10.48
N ALA A 54 3.59 -1.91 -9.46
CA ALA A 54 2.14 -1.78 -9.44
C ALA A 54 1.73 -0.39 -9.01
N TYR A 55 0.61 0.03 -9.57
CA TYR A 55 0.02 1.33 -9.35
C TYR A 55 -1.45 1.13 -9.00
N SER A 56 -1.97 2.00 -8.16
CA SER A 56 -3.41 2.00 -7.89
C SER A 56 -3.84 3.41 -7.55
N HIS A 57 -5.03 3.77 -8.01
CA HIS A 57 -5.51 5.12 -7.78
C HIS A 57 -7.03 5.15 -7.85
N LEU A 58 -7.61 6.14 -7.19
CA LEU A 58 -9.04 6.40 -7.22
C LEU A 58 -9.23 7.71 -7.98
N GLU A 59 -9.70 7.62 -9.21
CA GLU A 59 -9.98 8.79 -10.02
C GLU A 59 -11.44 9.19 -9.77
N ARG A 60 -11.63 10.41 -9.30
CA ARG A 60 -12.95 10.95 -9.01
C ARG A 60 -13.25 12.11 -9.94
N ILE A 61 -14.53 12.39 -10.13
CA ILE A 61 -14.98 13.51 -10.94
C ILE A 61 -15.41 14.63 -10.00
N GLY A 62 -14.83 15.81 -10.18
CA GLY A 62 -15.21 16.96 -9.39
C GLY A 62 -14.28 17.24 -8.23
N SER A 63 -14.83 17.21 -7.02
CA SER A 63 -14.04 17.49 -5.83
C SER A 63 -13.04 16.37 -5.56
N CYS A 64 -11.88 16.75 -5.01
CA CYS A 64 -10.85 15.77 -4.73
C CYS A 64 -11.23 14.87 -3.56
N SER A 65 -12.06 15.35 -2.65
CA SER A 65 -12.39 14.64 -1.43
C SER A 65 -13.68 13.83 -1.55
N ARG A 66 -14.79 14.48 -1.87
CA ARG A 66 -16.09 13.82 -1.89
C ARG A 66 -16.82 14.11 -3.20
N GLY A 67 -16.12 13.90 -4.32
CA GLY A 67 -16.75 13.84 -5.61
C GLY A 67 -17.19 12.43 -5.95
N VAL A 68 -17.65 12.26 -7.19
CA VAL A 68 -18.11 10.95 -7.65
C VAL A 68 -16.91 10.17 -8.17
N SER A 69 -16.71 8.96 -7.63
CA SER A 69 -15.58 8.12 -8.00
C SER A 69 -15.76 7.62 -9.43
N LYS A 70 -14.94 8.15 -10.35
CA LYS A 70 -15.01 7.73 -11.74
C LYS A 70 -14.51 6.31 -11.92
N GLN A 71 -13.39 5.98 -11.28
CA GLN A 71 -12.78 4.67 -11.46
C GLN A 71 -11.82 4.40 -10.31
N ARG A 72 -11.52 3.12 -10.11
CA ARG A 72 -10.39 2.70 -9.29
C ARG A 72 -9.55 1.76 -10.13
N ILE A 73 -8.26 2.06 -10.25
CA ILE A 73 -7.36 1.34 -11.14
C ILE A 73 -6.30 0.67 -10.29
N ILE A 74 -6.18 -0.66 -10.43
CA ILE A 74 -5.07 -1.42 -9.86
C ILE A 74 -4.38 -2.09 -11.03
N GLY A 75 -3.19 -1.61 -11.38
CA GLY A 75 -2.50 -2.15 -12.54
C GLY A 75 -1.03 -2.38 -12.31
N VAL A 76 -0.54 -3.51 -12.79
CA VAL A 76 0.87 -3.86 -12.67
C VAL A 76 1.51 -3.78 -14.06
N GLY A 77 2.83 -3.72 -14.06
CA GLY A 77 3.55 -3.66 -15.32
C GLY A 77 5.04 -3.73 -15.10
N GLU A 78 5.77 -3.55 -16.20
CA GLU A 78 7.22 -3.64 -16.22
C GLU A 78 7.82 -2.24 -16.16
N VAL A 79 8.97 -2.13 -15.51
CA VAL A 79 9.73 -0.89 -15.44
C VAL A 79 10.91 -1.05 -16.39
N LEU A 80 10.81 -0.45 -17.56
CA LEU A 80 11.80 -0.63 -18.62
C LEU A 80 12.50 0.69 -18.89
N ASP A 81 13.61 0.60 -19.61
CA ASP A 81 14.29 1.79 -20.10
C ASP A 81 13.46 2.43 -21.19
N ARG A 82 13.19 3.73 -21.05
CA ARG A 82 12.30 4.41 -21.98
C ARG A 82 12.98 4.86 -23.25
N GLY A 83 14.30 4.75 -23.35
CA GLY A 83 14.99 5.06 -24.59
C GLY A 83 16.24 5.89 -24.43
N ASP A 84 16.28 6.74 -23.40
CA ASP A 84 17.40 7.64 -23.16
C ASP A 84 17.99 7.41 -21.78
N GLU A 85 18.17 6.13 -21.43
CA GLU A 85 18.77 5.69 -20.15
C GLU A 85 17.98 6.19 -18.94
N VAL A 86 16.67 6.35 -19.10
CA VAL A 86 15.80 6.83 -18.04
C VAL A 86 14.66 5.83 -17.85
N PRO A 87 14.41 5.35 -16.64
CA PRO A 87 13.34 4.37 -16.44
C PRO A 87 11.98 5.03 -16.30
N SER A 88 11.01 4.47 -17.01
CA SER A 88 9.62 4.90 -16.92
C SER A 88 8.73 3.69 -16.74
N LEU A 89 7.63 3.89 -16.02
CA LEU A 89 6.69 2.81 -15.78
C LEU A 89 5.90 2.47 -17.05
N PHE A 90 5.74 1.17 -17.29
CA PHE A 90 5.01 0.68 -18.46
C PHE A 90 3.95 -0.30 -17.97
N MET A 91 2.69 0.13 -18.01
CA MET A 91 1.59 -0.68 -17.50
C MET A 91 1.26 -1.80 -18.48
N THR A 92 1.11 -3.02 -17.96
CA THR A 92 0.73 -4.17 -18.78
C THR A 92 -0.65 -4.70 -18.38
N ASN A 93 -0.85 -5.05 -17.12
CA ASN A 93 -2.11 -5.61 -16.65
C ASN A 93 -2.87 -4.56 -15.86
N VAL A 94 -4.14 -4.33 -16.21
CA VAL A 94 -4.97 -3.35 -15.53
C VAL A 94 -6.24 -4.04 -15.04
N TRP A 95 -6.67 -3.71 -13.83
CA TRP A 95 -7.92 -4.22 -13.28
C TRP A 95 -8.68 -3.09 -12.63
N THR A 96 -10.01 -3.17 -12.70
CA THR A 96 -10.89 -2.17 -12.11
C THR A 96 -11.90 -2.88 -11.22
N PRO A 97 -11.96 -2.58 -9.92
CA PRO A 97 -13.00 -3.17 -9.08
C PRO A 97 -14.37 -2.70 -9.52
N PRO A 98 -15.39 -3.53 -9.35
CA PRO A 98 -16.75 -3.11 -9.73
C PRO A 98 -17.36 -2.10 -8.78
N ASN A 99 -16.83 -1.98 -7.56
CA ASN A 99 -17.31 -1.00 -6.58
C ASN A 99 -16.11 -0.20 -6.10
N PRO A 100 -15.79 0.91 -6.77
CA PRO A 100 -14.60 1.69 -6.38
C PRO A 100 -14.76 2.42 -5.06
N ASN A 101 -15.97 2.61 -4.56
CA ASN A 101 -16.17 3.35 -3.33
C ASN A 101 -15.91 2.51 -2.09
N THR A 102 -15.82 1.18 -2.23
CA THR A 102 -15.65 0.30 -1.08
C THR A 102 -14.20 -0.14 -0.88
N VAL A 103 -13.30 0.17 -1.79
CA VAL A 103 -11.91 -0.30 -1.73
C VAL A 103 -11.08 0.80 -1.09
N TYR A 104 -10.40 0.47 0.01
CA TYR A 104 -9.56 1.41 0.74
C TYR A 104 -8.26 0.74 1.14
N HIS A 105 -7.18 1.53 1.12
CA HIS A 105 -5.89 1.18 1.70
C HIS A 105 -5.32 -0.12 1.13
N CYS A 106 -5.04 -0.09 -0.18
CA CYS A 106 -4.45 -1.26 -0.82
C CYS A 106 -2.99 -1.40 -0.41
N SER A 107 -2.47 -2.62 -0.56
CA SER A 107 -1.11 -2.95 -0.14
C SER A 107 -0.57 -4.03 -1.05
N ALA A 108 0.55 -3.75 -1.69
CA ALA A 108 0.97 -4.48 -2.87
C ALA A 108 2.34 -5.13 -2.66
N VAL A 109 2.47 -6.41 -3.04
CA VAL A 109 3.67 -7.23 -2.81
C VAL A 109 3.92 -8.07 -4.06
N TYR A 110 5.18 -8.17 -4.50
CA TYR A 110 5.54 -9.03 -5.62
C TYR A 110 6.09 -10.35 -5.12
N ASN A 111 5.70 -11.44 -5.77
CA ASN A 111 6.31 -12.75 -5.50
C ASN A 111 6.04 -13.67 -6.67
N ASN A 112 7.09 -14.04 -7.40
CA ASN A 112 7.07 -15.08 -8.43
C ASN A 112 6.05 -14.75 -9.53
N GLU A 113 6.40 -13.73 -10.32
CA GLU A 113 5.74 -13.29 -11.56
C GLU A 113 4.26 -12.93 -11.39
N PHE A 114 3.80 -12.75 -10.16
CA PHE A 114 2.46 -12.27 -9.84
C PHE A 114 2.61 -11.09 -8.91
N TYR A 115 1.54 -10.34 -8.71
CA TYR A 115 1.62 -9.21 -7.81
C TYR A 115 0.36 -9.32 -6.96
N TYR A 116 0.52 -9.51 -5.65
CA TYR A 116 -0.59 -9.67 -4.73
C TYR A 116 -0.91 -8.31 -4.10
N VAL A 117 -2.11 -7.80 -4.37
CA VAL A 117 -2.57 -6.53 -3.80
C VAL A 117 -3.65 -6.85 -2.77
N LEU A 118 -3.41 -6.44 -1.53
CA LEU A 118 -4.33 -6.67 -0.43
C LEU A 118 -4.97 -5.35 -0.04
N CYS A 119 -6.28 -5.26 -0.23
CA CYS A 119 -7.04 -4.05 0.06
C CYS A 119 -8.12 -4.38 1.09
N ALA A 120 -8.82 -3.33 1.52
CA ALA A 120 -9.88 -3.46 2.53
C ALA A 120 -11.22 -3.10 1.89
N VAL A 121 -12.18 -4.01 1.97
CA VAL A 121 -13.55 -3.75 1.53
C VAL A 121 -14.31 -3.12 2.69
N SER A 122 -14.99 -2.00 2.41
CA SER A 122 -15.69 -1.28 3.47
C SER A 122 -16.89 -0.55 2.87
N THR A 123 -18.08 -0.92 3.31
CA THR A 123 -19.29 -0.21 2.95
C THR A 123 -19.64 0.90 3.92
N VAL A 124 -18.77 1.16 4.90
CA VAL A 124 -19.02 2.14 5.94
C VAL A 124 -18.19 3.40 5.77
N GLY A 125 -17.36 3.47 4.74
CA GLY A 125 -16.42 4.54 4.56
C GLY A 125 -14.99 4.09 4.75
N ASP A 126 -14.13 5.05 5.06
CA ASP A 126 -12.73 4.76 5.31
C ASP A 126 -12.59 3.98 6.61
N PRO A 127 -11.97 2.80 6.62
CA PRO A 127 -11.90 2.00 7.85
C PRO A 127 -11.02 2.57 8.95
N ILE A 128 -10.38 3.72 8.76
CA ILE A 128 -9.61 4.34 9.84
C ILE A 128 -10.49 5.22 10.72
N LEU A 129 -11.27 6.12 10.12
CA LEU A 129 -11.97 7.11 10.91
C LEU A 129 -13.33 6.66 11.44
N ASN A 130 -13.92 5.59 10.94
CA ASN A 130 -15.19 5.14 11.49
C ASN A 130 -15.04 3.61 11.61
N SER A 131 -13.95 3.21 12.26
CA SER A 131 -13.55 1.81 12.35
C SER A 131 -14.48 0.95 13.21
N THR A 132 -15.31 1.57 14.04
CA THR A 132 -16.19 0.80 14.92
C THR A 132 -17.23 0.01 14.13
N TYR A 133 -17.77 0.61 13.07
CA TYR A 133 -18.78 -0.04 12.24
C TYR A 133 -18.19 -0.81 11.08
N TRP A 134 -16.86 -0.85 10.95
CA TRP A 134 -16.25 -1.55 9.83
C TRP A 134 -16.40 -3.06 9.99
N SER A 135 -16.65 -3.73 8.88
CA SER A 135 -16.86 -5.18 8.90
C SER A 135 -15.57 -5.91 9.22
N GLY A 136 -14.44 -5.47 8.66
CA GLY A 136 -13.20 -6.21 8.74
C GLY A 136 -12.86 -6.98 7.48
N SER A 137 -13.63 -6.81 6.41
CA SER A 137 -13.40 -7.55 5.17
C SER A 137 -12.17 -7.02 4.45
N LEU A 138 -11.44 -7.95 3.81
CA LEU A 138 -10.30 -7.62 2.98
C LEU A 138 -10.45 -8.32 1.64
N MET A 139 -9.55 -8.01 0.71
CA MET A 139 -9.54 -8.61 -0.62
C MET A 139 -8.11 -8.78 -1.07
N MET A 140 -7.85 -9.87 -1.79
CA MET A 140 -6.54 -10.14 -2.37
C MET A 140 -6.70 -10.34 -3.87
N THR A 141 -6.00 -9.51 -4.65
CA THR A 141 -6.02 -9.57 -6.09
C THR A 141 -4.64 -9.98 -6.60
N ARG A 142 -4.61 -11.02 -7.43
CA ARG A 142 -3.39 -11.48 -8.08
C ARG A 142 -3.37 -10.95 -9.51
N LEU A 143 -2.38 -10.12 -9.81
CA LEU A 143 -2.24 -9.55 -11.15
C LEU A 143 -0.91 -9.99 -11.74
N ALA A 144 -0.95 -10.54 -12.95
CA ALA A 144 0.27 -11.04 -13.58
C ALA A 144 1.06 -9.88 -14.18
N VAL A 145 2.34 -9.79 -13.83
CA VAL A 145 3.19 -8.76 -14.43
C VAL A 145 3.49 -9.09 -15.89
N LYS A 146 3.50 -10.37 -16.25
CA LYS A 146 3.49 -10.76 -17.65
C LYS A 146 2.15 -11.42 -18.00
N PRO A 147 1.24 -10.70 -18.66
CA PRO A 147 -0.07 -11.27 -18.99
C PRO A 147 -0.03 -11.98 -20.35
N LYS A 148 -0.39 -13.26 -20.35
CA LYS A 148 -0.47 -13.99 -21.60
C LYS A 148 -1.70 -13.55 -22.39
N SER A 149 -1.71 -13.92 -23.68
CA SER A 149 -2.78 -13.50 -24.57
C SER A 149 -4.11 -14.12 -24.16
N ASN A 150 -4.11 -15.38 -23.74
CA ASN A 150 -5.32 -16.06 -23.26
C ASN A 150 -4.91 -16.87 -22.02
N GLY A 151 -5.04 -16.25 -20.86
CA GLY A 151 -4.68 -16.90 -19.61
C GLY A 151 -5.86 -17.14 -18.69
N GLY A 152 -6.88 -16.31 -18.80
CA GLY A 152 -8.05 -16.45 -17.95
C GLY A 152 -7.79 -16.02 -16.52
N GLY A 153 -7.72 -16.99 -15.61
CA GLY A 153 -7.46 -16.69 -14.21
C GLY A 153 -6.03 -16.36 -13.87
N TYR A 154 -5.11 -16.52 -14.81
CA TYR A 154 -3.71 -16.19 -14.55
C TYR A 154 -3.51 -14.67 -14.58
N ASN A 155 -4.17 -13.98 -15.50
CA ASN A 155 -3.95 -12.54 -15.67
C ASN A 155 -4.51 -11.76 -14.49
N GLN A 156 -5.73 -12.07 -14.07
CA GLN A 156 -6.38 -11.39 -12.95
C GLN A 156 -7.15 -12.42 -12.15
N HIS A 157 -6.80 -12.59 -10.89
CA HIS A 157 -7.43 -13.57 -10.02
C HIS A 157 -7.82 -12.91 -8.71
N GLN A 158 -8.87 -13.43 -8.09
CA GLN A 158 -9.35 -12.95 -6.80
C GLN A 158 -9.18 -14.07 -5.79
N LEU A 159 -8.11 -14.01 -4.99
CA LEU A 159 -7.87 -15.04 -3.98
C LEU A 159 -8.80 -14.80 -2.80
N ALA A 160 -9.65 -15.79 -2.51
CA ALA A 160 -10.61 -15.66 -1.42
C ALA A 160 -9.90 -15.77 -0.07
N LEU A 161 -10.26 -14.88 0.85
CA LEU A 161 -9.70 -14.87 2.19
C LEU A 161 -10.67 -15.57 3.13
N ARG A 162 -10.16 -16.57 3.87
CA ARG A 162 -11.03 -17.38 4.71
C ARG A 162 -10.50 -17.49 6.13
N SER A 163 -9.17 -17.44 6.28
CA SER A 163 -8.52 -17.64 7.56
C SER A 163 -7.75 -16.38 7.92
N ILE A 164 -8.21 -15.68 8.95
CA ILE A 164 -7.57 -14.46 9.44
C ILE A 164 -7.11 -14.73 10.86
N GLU A 165 -5.81 -14.67 11.09
CA GLU A 165 -5.27 -14.75 12.44
C GLU A 165 -4.81 -13.35 12.84
N LYS A 166 -5.38 -12.82 13.92
CA LYS A 166 -5.03 -11.47 14.34
C LYS A 166 -4.79 -11.34 15.84
N GLY A 167 -5.05 -12.37 16.64
CA GLY A 167 -4.69 -12.32 18.04
C GLY A 167 -5.60 -11.41 18.83
N ARG A 168 -4.99 -10.55 19.65
CA ARG A 168 -5.73 -9.71 20.57
C ARG A 168 -6.45 -8.55 19.87
N TYR A 169 -6.11 -8.26 18.62
CA TYR A 169 -6.62 -7.09 17.94
C TYR A 169 -8.04 -7.34 17.44
N ASP A 170 -8.89 -6.32 17.59
CA ASP A 170 -10.30 -6.48 17.18
C ASP A 170 -10.44 -6.59 15.68
N LYS A 171 -9.64 -5.85 14.93
CA LYS A 171 -9.64 -6.02 13.48
C LYS A 171 -8.28 -5.65 12.93
N VAL A 172 -8.02 -6.03 11.68
CA VAL A 172 -6.78 -5.70 11.01
C VAL A 172 -7.10 -5.19 9.61
N MET A 173 -6.19 -4.37 9.06
CA MET A 173 -6.38 -3.89 7.70
C MET A 173 -5.03 -3.55 7.12
N PRO A 174 -4.75 -3.88 5.86
CA PRO A 174 -3.51 -3.43 5.22
C PRO A 174 -3.46 -1.90 5.16
N TYR A 175 -2.37 -1.35 5.66
CA TYR A 175 -2.24 0.09 5.87
C TYR A 175 -0.90 0.59 5.35
N GLY A 176 -0.59 0.30 4.09
CA GLY A 176 0.59 0.86 3.49
C GLY A 176 0.78 0.48 2.04
N PRO A 177 1.69 1.19 1.35
CA PRO A 177 1.87 0.94 -0.09
C PRO A 177 2.49 -0.40 -0.47
N SER A 178 3.64 -0.75 0.09
CA SER A 178 4.37 -1.92 -0.41
C SER A 178 4.92 -2.74 0.73
N GLY A 179 4.92 -4.06 0.54
CA GLY A 179 5.55 -4.97 1.47
C GLY A 179 6.67 -5.75 0.83
N ILE A 180 7.04 -6.89 1.41
CA ILE A 180 8.15 -7.69 0.90
C ILE A 180 7.69 -9.13 0.69
N LYS A 181 8.57 -9.90 0.08
CA LYS A 181 8.46 -11.35 0.06
C LYS A 181 9.68 -11.96 0.74
N GLN A 182 9.45 -13.09 1.39
CA GLN A 182 10.50 -13.91 1.99
C GLN A 182 10.20 -15.33 1.56
N GLY A 183 10.89 -15.80 0.53
CA GLY A 183 10.59 -17.08 -0.07
C GLY A 183 9.21 -17.06 -0.70
N ASP A 184 8.27 -17.73 -0.05
CA ASP A 184 6.88 -17.78 -0.50
C ASP A 184 5.95 -16.98 0.40
N THR A 185 6.49 -16.20 1.34
CA THR A 185 5.68 -15.49 2.32
C THR A 185 5.60 -14.00 1.96
N LEU A 186 4.40 -13.45 1.96
CA LEU A 186 4.16 -12.05 1.68
C LEU A 186 3.98 -11.30 2.99
N TYR A 187 4.72 -10.21 3.17
CA TYR A 187 4.59 -9.37 4.35
C TYR A 187 4.13 -7.99 3.90
N PHE A 188 2.81 -7.77 3.96
CA PHE A 188 2.21 -6.48 3.71
C PHE A 188 2.37 -5.59 4.94
N PRO A 189 2.52 -4.28 4.76
CA PRO A 189 2.36 -3.38 5.90
C PRO A 189 0.89 -3.26 6.25
N ALA A 190 0.60 -3.21 7.55
CA ALA A 190 -0.79 -3.28 7.98
C ALA A 190 -0.91 -2.62 9.35
N VAL A 191 -2.15 -2.45 9.78
CA VAL A 191 -2.47 -1.89 11.07
C VAL A 191 -3.52 -2.78 11.73
N GLY A 192 -3.55 -2.73 13.06
CA GLY A 192 -4.52 -3.47 13.83
C GLY A 192 -5.26 -2.57 14.78
N PHE A 193 -6.58 -2.61 14.69
CA PHE A 193 -7.47 -1.90 15.60
C PHE A 193 -7.65 -2.75 16.84
N LEU A 194 -7.04 -2.32 17.94
CA LEU A 194 -7.20 -2.85 19.28
C LEU A 194 -8.18 -1.97 20.02
N VAL A 195 -8.87 -2.51 21.01
CA VAL A 195 -9.71 -1.65 21.84
C VAL A 195 -8.80 -0.88 22.77
N ARG A 196 -9.26 0.29 23.22
CA ARG A 196 -8.42 1.18 24.00
C ARG A 196 -8.25 0.69 25.43
N THR A 197 -9.25 -0.03 25.95
CA THR A 197 -9.23 -0.41 27.37
C THR A 197 -8.18 -1.46 27.68
N GLU A 198 -7.82 -2.30 26.71
CA GLU A 198 -6.82 -3.35 26.94
C GLU A 198 -5.45 -2.96 26.42
N PHE A 199 -5.27 -1.72 25.96
CA PHE A 199 -3.97 -1.26 25.48
C PHE A 199 -3.02 -1.13 26.67
N LYS A 200 -2.05 -2.03 26.75
CA LYS A 200 -1.09 -2.04 27.85
C LYS A 200 0.00 -1.01 27.57
N TYR A 201 0.01 0.08 28.32
CA TYR A 201 1.04 1.09 28.19
C TYR A 201 1.47 1.56 29.57
N ASN A 202 2.78 1.59 29.79
CA ASN A 202 3.36 2.21 30.98
C ASN A 202 3.39 3.71 30.75
N ASP A 203 2.64 4.47 31.56
CA ASP A 203 2.55 5.90 31.36
C ASP A 203 3.85 6.65 31.70
N SER A 204 4.78 6.00 32.39
CA SER A 204 6.08 6.58 32.68
C SER A 204 7.15 6.16 31.67
N ASN A 205 6.78 5.42 30.62
CA ASN A 205 7.74 4.92 29.66
C ASN A 205 8.05 5.92 28.57
N CYS A 206 7.04 6.66 28.10
CA CYS A 206 7.26 7.61 27.01
C CYS A 206 8.04 8.83 27.51
N PRO A 207 8.99 9.33 26.72
CA PRO A 207 9.85 10.43 27.19
C PRO A 207 9.11 11.76 27.19
N ILE A 208 8.96 12.33 28.38
CA ILE A 208 8.38 13.66 28.57
C ILE A 208 9.36 14.60 29.26
N THR A 209 10.65 14.25 29.25
CA THR A 209 11.63 14.94 30.08
C THR A 209 11.97 16.31 29.52
N LYS A 210 12.16 16.42 28.21
CA LYS A 210 12.69 17.64 27.62
C LYS A 210 11.64 18.72 27.38
N CYS A 211 10.35 18.38 27.46
CA CYS A 211 9.29 19.32 27.17
C CYS A 211 8.41 19.52 28.40
N GLN A 212 8.13 20.77 28.73
CA GLN A 212 7.37 21.15 29.92
C GLN A 212 5.89 21.30 29.66
N TYR A 213 5.42 21.00 28.44
CA TYR A 213 4.03 21.21 28.07
C TYR A 213 3.29 19.89 27.82
N SER A 214 3.83 18.77 28.29
CA SER A 214 3.30 17.45 27.96
C SER A 214 2.98 16.68 29.23
N LYS A 215 1.70 16.36 29.40
CA LYS A 215 1.30 15.39 30.41
C LYS A 215 1.76 14.00 29.98
N PRO A 216 2.10 13.09 30.92
CA PRO A 216 2.62 11.79 30.51
C PRO A 216 1.59 10.72 30.18
N GLU A 217 0.34 11.12 29.92
CA GLU A 217 -0.64 10.22 29.34
C GLU A 217 -0.85 10.48 27.85
N ASN A 218 -0.34 11.61 27.34
CA ASN A 218 -0.56 12.00 25.94
C ASN A 218 0.00 10.98 24.97
N CYS A 219 1.06 10.26 25.36
CA CYS A 219 1.61 9.20 24.53
C CYS A 219 0.65 8.04 24.35
N ARG A 220 -0.37 7.91 25.20
CA ARG A 220 -1.36 6.85 25.09
C ARG A 220 -2.65 7.31 24.41
N LEU A 221 -3.13 8.52 24.70
CA LEU A 221 -4.29 9.01 23.95
C LEU A 221 -3.92 9.48 22.55
N SER A 222 -2.64 9.67 22.24
CA SER A 222 -2.22 9.94 20.87
C SER A 222 -2.08 8.68 20.05
N MET A 223 -2.32 7.51 20.63
CA MET A 223 -2.24 6.23 19.94
C MET A 223 -3.51 5.91 19.17
N GLY A 224 -4.51 6.79 19.20
CA GLY A 224 -5.67 6.67 18.34
C GLY A 224 -5.95 8.00 17.67
N ILE A 225 -6.90 7.97 16.74
CA ILE A 225 -7.23 9.18 15.99
C ILE A 225 -7.99 10.20 16.82
N ARG A 226 -8.53 9.80 17.97
CA ARG A 226 -9.14 10.67 18.95
C ARG A 226 -8.62 10.31 20.34
N PRO A 227 -8.60 11.27 21.27
CA PRO A 227 -8.31 10.91 22.66
C PRO A 227 -9.33 9.97 23.27
N ASN A 228 -10.59 10.06 22.86
CA ASN A 228 -11.65 9.18 23.36
C ASN A 228 -12.05 8.12 22.33
N SER A 229 -11.14 7.77 21.42
CA SER A 229 -11.45 6.80 20.38
C SER A 229 -11.60 5.40 20.96
N HIS A 230 -12.47 4.61 20.32
CA HIS A 230 -12.68 3.23 20.76
C HIS A 230 -11.46 2.37 20.48
N TYR A 231 -10.82 2.56 19.33
CA TYR A 231 -9.72 1.71 18.90
C TYR A 231 -8.41 2.50 18.87
N ILE A 232 -7.34 1.82 19.22
CA ILE A 232 -5.98 2.28 18.95
C ILE A 232 -5.46 1.52 17.76
N LEU A 233 -4.53 2.15 17.02
CA LEU A 233 -4.00 1.63 15.77
C LEU A 233 -2.56 1.20 16.01
N ARG A 234 -2.32 -0.11 16.02
CA ARG A 234 -0.96 -0.64 16.18
C ARG A 234 -0.46 -1.12 14.83
N SER A 235 0.65 -0.55 14.37
CA SER A 235 1.17 -0.92 13.06
C SER A 235 1.83 -2.29 13.11
N GLY A 236 2.17 -2.80 11.93
CA GLY A 236 2.82 -4.10 11.85
C GLY A 236 2.74 -4.64 10.43
N LEU A 237 2.79 -5.96 10.33
CA LEU A 237 2.72 -6.65 9.05
C LEU A 237 1.54 -7.61 9.02
N LEU A 238 1.15 -7.97 7.81
CA LEU A 238 0.20 -9.05 7.56
C LEU A 238 0.93 -10.08 6.71
N LYS A 239 0.97 -11.32 7.19
CA LYS A 239 1.76 -12.38 6.59
C LYS A 239 0.83 -13.33 5.84
N TYR A 240 1.22 -13.66 4.62
CA TYR A 240 0.46 -14.55 3.73
C TYR A 240 1.43 -15.61 3.23
N ASN A 241 1.38 -16.81 3.80
CA ASN A 241 2.23 -17.91 3.38
C ASN A 241 1.53 -18.62 2.22
N LEU A 242 2.11 -18.52 1.02
CA LEU A 242 1.44 -19.07 -0.15
C LEU A 242 1.56 -20.59 -0.26
N SER A 243 2.37 -21.23 0.58
CA SER A 243 2.42 -22.68 0.66
C SER A 243 1.77 -23.21 1.95
N ASP A 244 0.98 -22.37 2.62
CA ASP A 244 0.34 -22.79 3.86
C ASP A 244 -0.73 -23.84 3.61
N GLY A 245 -1.45 -23.74 2.50
CA GLY A 245 -2.48 -24.71 2.20
C GLY A 245 -3.39 -24.18 1.09
N GLU A 246 -4.58 -24.78 1.02
CA GLU A 246 -5.58 -24.31 0.06
C GLU A 246 -6.04 -22.89 0.38
N ASN A 247 -6.29 -22.61 1.65
CA ASN A 247 -6.69 -21.27 2.11
C ASN A 247 -5.67 -20.79 3.13
N PRO A 248 -4.66 -20.02 2.72
CA PRO A 248 -3.63 -19.58 3.65
C PRO A 248 -4.16 -18.65 4.73
N LYS A 249 -3.59 -18.79 5.92
CA LYS A 249 -3.85 -17.84 6.99
C LYS A 249 -3.20 -16.50 6.69
N VAL A 250 -3.91 -15.42 6.98
CA VAL A 250 -3.35 -14.08 6.90
C VAL A 250 -3.14 -13.65 8.35
N VAL A 251 -1.88 -13.52 8.76
CA VAL A 251 -1.49 -13.46 10.16
C VAL A 251 -0.96 -12.07 10.46
N PHE A 252 -1.53 -11.41 11.47
CA PHE A 252 -1.07 -10.08 11.86
C PHE A 252 0.12 -10.21 12.81
N ILE A 253 1.23 -9.59 12.44
CA ILE A 253 2.43 -9.51 13.27
C ILE A 253 2.54 -8.07 13.75
N GLU A 254 2.38 -7.87 15.05
CA GLU A 254 2.41 -6.51 15.58
C GLU A 254 3.83 -5.96 15.61
N ILE A 255 3.93 -4.64 15.57
CA ILE A 255 5.22 -3.98 15.66
C ILE A 255 5.73 -4.02 17.09
N SER A 256 7.04 -3.82 17.25
CA SER A 256 7.64 -3.81 18.57
C SER A 256 7.21 -2.59 19.36
N ASP A 257 7.18 -2.74 20.68
CA ASP A 257 6.76 -1.66 21.57
C ASP A 257 7.78 -0.52 21.66
N GLN A 258 9.00 -0.72 21.16
CA GLN A 258 10.00 0.34 21.20
C GLN A 258 9.64 1.43 20.20
N ARG A 259 9.77 2.69 20.65
CA ARG A 259 9.41 3.89 19.88
C ARG A 259 7.99 3.79 19.33
N LEU A 260 7.04 3.52 20.22
CA LEU A 260 5.68 3.20 19.81
C LEU A 260 4.92 4.48 19.49
N SER A 261 4.51 4.62 18.24
CA SER A 261 3.62 5.68 17.79
C SER A 261 2.36 5.03 17.19
N ILE A 262 1.45 5.88 16.73
CA ILE A 262 0.18 5.40 16.20
C ILE A 262 0.41 4.65 14.89
N GLY A 263 -0.51 3.73 14.57
CA GLY A 263 -0.50 3.08 13.29
C GLY A 263 -0.74 4.05 12.16
N SER A 264 0.21 4.13 11.24
CA SER A 264 0.21 5.07 10.13
C SER A 264 0.57 4.29 8.88
N PRO A 265 0.42 4.90 7.67
CA PRO A 265 0.90 4.23 6.46
C PRO A 265 2.37 3.85 6.51
N SER A 266 2.64 2.55 6.55
CA SER A 266 3.99 2.03 6.68
C SER A 266 4.36 1.27 5.42
N LYS A 267 5.63 0.90 5.33
CA LYS A 267 6.14 0.23 4.14
C LYS A 267 7.40 -0.51 4.50
N ILE A 268 7.44 -1.81 4.18
CA ILE A 268 8.63 -2.62 4.35
C ILE A 268 9.17 -2.94 2.97
N TYR A 269 10.46 -2.66 2.75
CA TYR A 269 11.07 -2.85 1.45
C TYR A 269 12.41 -3.54 1.60
N ASP A 270 12.69 -4.47 0.68
CA ASP A 270 13.94 -5.23 0.72
C ASP A 270 15.01 -4.40 0.04
N SER A 271 15.87 -3.76 0.83
CA SER A 271 16.96 -2.95 0.31
C SER A 271 18.29 -3.59 0.68
N LEU A 272 19.15 -3.79 -0.34
CA LEU A 272 20.52 -4.25 -0.18
C LEU A 272 20.60 -5.57 0.60
N GLY A 273 19.63 -6.45 0.35
CA GLY A 273 19.59 -7.74 1.00
C GLY A 273 19.00 -7.76 2.39
N GLN A 274 18.30 -6.71 2.81
CA GLN A 274 17.69 -6.75 4.13
C GLN A 274 16.43 -5.90 4.16
N PRO A 275 15.39 -6.31 4.89
CA PRO A 275 14.19 -5.49 4.97
C PRO A 275 14.40 -4.21 5.79
N VAL A 276 13.83 -3.12 5.29
CA VAL A 276 13.80 -1.84 5.99
C VAL A 276 12.33 -1.45 6.15
N PHE A 277 11.96 -1.09 7.37
CA PHE A 277 10.59 -0.71 7.70
C PHE A 277 10.52 0.79 7.93
N TYR A 278 9.59 1.44 7.23
CA TYR A 278 9.30 2.86 7.41
C TYR A 278 7.87 3.00 7.89
N GLN A 279 7.69 3.50 9.11
CA GLN A 279 6.37 3.83 9.62
C GLN A 279 6.21 5.35 9.55
N ALA A 280 5.10 5.80 8.99
CA ALA A 280 4.86 7.24 8.87
C ALA A 280 4.61 7.84 10.24
N SER A 281 4.86 9.14 10.34
CA SER A 281 4.75 9.85 11.61
C SER A 281 3.42 10.61 11.67
N PHE A 282 2.34 9.86 11.87
CA PHE A 282 1.03 10.48 12.03
C PHE A 282 0.72 10.76 13.50
N SER A 283 1.64 11.36 14.22
CA SER A 283 1.54 11.47 15.67
C SER A 283 2.39 12.65 16.14
N TRP A 284 2.63 12.69 17.46
CA TRP A 284 3.42 13.77 18.05
C TRP A 284 4.86 13.77 17.56
N ASP A 285 5.48 12.59 17.46
CA ASP A 285 6.88 12.50 17.04
C ASP A 285 6.93 12.61 15.52
N THR A 286 7.51 13.68 15.02
CA THR A 286 7.48 13.99 13.60
C THR A 286 8.77 13.65 12.87
N MET A 287 9.81 13.24 13.58
CA MET A 287 11.02 12.77 12.92
C MET A 287 10.72 11.46 12.19
N ILE A 288 11.49 11.21 11.14
CA ILE A 288 11.19 10.08 10.25
C ILE A 288 11.47 8.78 10.97
N LYS A 289 10.47 7.90 11.00
CA LYS A 289 10.58 6.59 11.64
C LYS A 289 10.82 5.57 10.55
N PHE A 290 12.09 5.19 10.37
CA PHE A 290 12.43 4.11 9.46
C PHE A 290 13.72 3.48 9.96
N GLY A 291 13.89 2.20 9.66
CA GLY A 291 15.06 1.52 10.17
C GLY A 291 15.09 0.08 9.74
N ASP A 292 16.17 -0.58 10.15
CA ASP A 292 16.42 -1.96 9.74
C ASP A 292 15.43 -2.90 10.43
N VAL A 293 15.13 -4.02 9.77
CA VAL A 293 14.23 -5.02 10.34
C VAL A 293 15.09 -6.13 10.92
N LEU A 294 15.14 -6.20 12.26
CA LEU A 294 15.92 -7.25 12.90
C LEU A 294 15.28 -8.61 12.72
N THR A 295 13.97 -8.70 12.97
CA THR A 295 13.20 -9.91 12.73
C THR A 295 11.89 -9.52 12.06
N VAL A 296 11.52 -10.27 11.02
CA VAL A 296 10.23 -10.02 10.36
C VAL A 296 9.08 -10.52 11.24
N ASN A 297 9.24 -11.70 11.83
CA ASN A 297 8.24 -12.28 12.73
C ASN A 297 8.96 -12.76 13.99
N PRO A 298 8.78 -12.09 15.15
CA PRO A 298 7.96 -10.89 15.40
C PRO A 298 8.63 -9.62 14.89
N LEU A 299 7.85 -8.58 14.61
CA LEU A 299 8.39 -7.38 13.98
C LEU A 299 9.17 -6.55 15.00
N VAL A 300 10.49 -6.57 14.89
CA VAL A 300 11.37 -5.71 15.65
C VAL A 300 12.12 -4.84 14.66
N VAL A 301 12.02 -3.52 14.82
CA VAL A 301 12.62 -2.57 13.90
C VAL A 301 13.62 -1.73 14.67
N ASN A 302 14.89 -1.83 14.26
CA ASN A 302 15.93 -0.94 14.76
C ASN A 302 15.76 0.38 14.02
N TRP A 303 15.09 1.33 14.68
CA TRP A 303 14.80 2.62 14.08
C TRP A 303 16.07 3.46 13.97
N ARG A 304 16.14 4.25 12.90
CA ARG A 304 17.23 5.20 12.75
C ARG A 304 17.06 6.34 13.76
N ASN A 305 18.19 6.88 14.21
CA ASN A 305 18.17 8.05 15.10
C ASN A 305 18.32 9.31 14.26
N ASN A 306 17.30 9.55 13.43
CA ASN A 306 17.33 10.62 12.45
C ASN A 306 16.88 11.93 13.07
N THR A 307 17.67 12.99 12.85
CA THR A 307 17.38 14.30 13.42
C THR A 307 17.19 15.40 12.38
N VAL A 308 17.38 15.12 11.09
CA VAL A 308 17.37 16.16 10.08
C VAL A 308 16.20 16.05 9.11
N ILE A 309 15.54 14.90 9.02
CA ILE A 309 14.40 14.72 8.14
C ILE A 309 13.17 14.54 8.99
N SER A 310 12.14 15.35 8.71
CA SER A 310 10.88 15.31 9.43
C SER A 310 9.75 15.43 8.42
N ARG A 311 8.55 15.68 8.92
CA ARG A 311 7.39 15.81 8.05
C ARG A 311 6.63 17.08 8.41
N PRO A 312 5.98 17.70 7.42
CA PRO A 312 5.11 18.84 7.73
C PRO A 312 3.81 18.37 8.35
N GLY A 313 3.49 18.93 9.51
CA GLY A 313 2.25 18.60 10.18
C GLY A 313 1.22 19.69 10.01
N GLN A 314 0.45 19.91 11.06
CA GLN A 314 -0.57 20.94 11.10
C GLN A 314 -0.29 21.72 12.39
N SER A 315 -1.25 22.52 12.83
CA SER A 315 -1.12 23.20 14.10
C SER A 315 -1.02 22.20 15.24
N GLN A 316 -0.22 22.57 16.26
CA GLN A 316 0.01 21.87 17.52
C GLN A 316 0.92 20.64 17.34
N CYS A 317 1.18 20.22 16.11
CA CYS A 317 2.23 19.24 15.83
C CYS A 317 3.00 19.63 14.57
N PRO A 318 3.93 20.63 14.68
CA PRO A 318 4.66 21.08 13.48
C PRO A 318 5.75 20.11 13.04
N ARG A 319 6.53 20.53 12.05
CA ARG A 319 7.75 19.84 11.68
C ARG A 319 8.76 19.91 12.82
N PHE A 320 9.61 18.87 12.90
CA PHE A 320 10.67 18.74 13.92
C PHE A 320 10.13 18.78 15.35
N ASN A 321 8.92 18.27 15.57
CA ASN A 321 8.34 18.21 16.89
C ASN A 321 8.70 16.89 17.57
N THR A 322 9.08 16.98 18.85
CA THR A 322 9.47 15.81 19.62
C THR A 322 8.71 15.63 20.92
N CYS A 323 7.86 16.58 21.30
CA CYS A 323 7.14 16.42 22.56
C CYS A 323 5.84 15.66 22.36
N PRO A 324 5.45 14.82 23.32
CA PRO A 324 4.19 14.07 23.17
C PRO A 324 2.96 14.92 23.39
N GLU A 325 2.26 15.24 22.30
CA GLU A 325 1.00 15.98 22.35
C GLU A 325 -0.03 15.21 21.55
N ILE A 326 -1.30 15.43 21.88
CA ILE A 326 -2.39 14.70 21.25
C ILE A 326 -2.59 15.29 19.85
N CYS A 327 -2.30 14.51 18.82
CA CYS A 327 -2.53 14.89 17.44
C CYS A 327 -2.49 13.63 16.58
N TRP A 328 -3.40 13.55 15.61
CA TRP A 328 -3.35 12.55 14.57
C TRP A 328 -3.32 13.32 13.26
N GLU A 329 -2.12 13.68 12.82
CA GLU A 329 -1.94 14.46 11.61
C GLU A 329 -0.56 14.15 11.07
N GLY A 330 -0.41 14.25 9.76
CA GLY A 330 0.87 14.02 9.14
C GLY A 330 0.72 13.58 7.70
N VAL A 331 1.86 13.35 7.07
CA VAL A 331 1.95 13.02 5.66
C VAL A 331 2.85 11.82 5.50
N TYR A 332 2.65 11.09 4.40
CA TYR A 332 3.49 9.94 4.07
C TYR A 332 4.60 10.41 3.14
N ASN A 333 5.81 10.54 3.68
CA ASN A 333 7.00 10.82 2.88
C ASN A 333 8.01 9.72 3.21
N ASP A 334 8.02 8.68 2.40
CA ASP A 334 8.91 7.55 2.61
C ASP A 334 10.33 7.84 2.14
N ALA A 335 11.26 7.01 2.63
CA ALA A 335 12.67 7.10 2.25
C ALA A 335 13.15 5.70 1.89
N PHE A 336 13.90 5.59 0.80
CA PHE A 336 14.46 4.33 0.35
C PHE A 336 15.96 4.33 0.59
N LEU A 337 16.45 3.29 1.26
CA LEU A 337 17.86 3.21 1.60
C LEU A 337 18.69 2.81 0.38
N ILE A 338 19.76 3.55 0.10
CA ILE A 338 20.58 3.32 -1.08
C ILE A 338 22.01 2.93 -0.73
N ASP A 339 22.40 2.94 0.54
CA ASP A 339 23.77 2.62 0.94
C ASP A 339 23.70 2.18 2.39
N ARG A 340 24.07 0.93 2.66
CA ARG A 340 24.01 0.39 4.01
C ARG A 340 25.27 0.65 4.82
N ILE A 341 26.31 1.20 4.20
CA ILE A 341 27.58 1.42 4.90
C ILE A 341 27.47 2.64 5.81
N ASN A 342 26.97 3.75 5.30
CA ASN A 342 26.74 4.94 6.11
C ASN A 342 25.27 5.19 6.40
N TRP A 343 24.39 4.27 5.98
CA TRP A 343 22.93 4.41 6.07
C TRP A 343 22.44 5.72 5.44
N ILE A 344 22.66 5.80 4.13
CA ILE A 344 22.24 6.94 3.32
C ILE A 344 20.97 6.54 2.60
N SER A 345 19.96 7.42 2.65
CA SER A 345 18.68 7.13 2.02
C SER A 345 18.22 8.33 1.20
N ALA A 346 17.38 8.04 0.21
CA ALA A 346 16.84 9.04 -0.71
C ALA A 346 15.33 8.99 -0.69
N GLY A 347 14.71 10.17 -0.65
CA GLY A 347 13.25 10.23 -0.69
C GLY A 347 12.78 11.65 -0.84
N VAL A 348 11.51 11.80 -1.23
CA VAL A 348 10.92 13.11 -1.42
C VAL A 348 10.22 13.52 -0.13
N PHE A 349 10.64 14.65 0.43
CA PHE A 349 10.07 15.18 1.66
C PHE A 349 9.64 16.61 1.43
N LEU A 350 8.60 17.01 2.14
CA LEU A 350 8.04 18.34 1.97
C LEU A 350 8.71 19.30 2.96
N ASP A 351 8.98 20.52 2.51
CA ASP A 351 9.90 21.40 3.21
C ASP A 351 9.22 22.65 3.75
N SER A 352 8.05 22.50 4.36
CA SER A 352 7.37 23.61 4.99
C SER A 352 6.99 23.22 6.41
N ASN A 353 6.77 24.24 7.24
CA ASN A 353 6.71 24.05 8.69
C ASN A 353 5.34 23.50 9.10
N GLN A 354 4.27 24.25 8.77
CA GLN A 354 2.90 23.87 9.07
C GLN A 354 2.10 23.44 7.85
N THR A 355 2.65 23.58 6.65
CA THR A 355 1.91 23.36 5.41
C THR A 355 2.51 22.20 4.65
N ALA A 356 1.66 21.42 3.99
CA ALA A 356 2.12 20.31 3.15
C ALA A 356 2.39 20.87 1.75
N GLU A 357 3.61 21.33 1.53
CA GLU A 357 4.00 21.91 0.26
C GLU A 357 5.51 21.77 0.09
N ASN A 358 6.01 22.19 -1.08
CA ASN A 358 7.41 22.20 -1.47
C ASN A 358 8.06 20.82 -1.43
N PRO A 359 7.74 19.92 -2.36
CA PRO A 359 8.39 18.60 -2.37
C PRO A 359 9.83 18.71 -2.85
N VAL A 360 10.77 18.22 -2.03
CA VAL A 360 12.19 18.23 -2.33
C VAL A 360 12.70 16.80 -2.28
N PHE A 361 13.37 16.36 -3.34
CA PHE A 361 14.07 15.08 -3.32
C PHE A 361 15.35 15.25 -2.52
N THR A 362 15.43 14.58 -1.37
CA THR A 362 16.54 14.71 -0.44
C THR A 362 17.25 13.38 -0.32
N VAL A 363 18.58 13.41 -0.50
CA VAL A 363 19.46 12.30 -0.17
C VAL A 363 20.20 12.70 1.10
N PHE A 364 20.13 11.85 2.12
CA PHE A 364 20.48 12.24 3.48
C PHE A 364 21.08 11.08 4.26
N LYS A 365 21.92 11.44 5.24
CA LYS A 365 22.49 10.51 6.20
C LYS A 365 21.59 10.42 7.43
N ASP A 366 22.10 9.82 8.51
CA ASP A 366 21.31 9.75 9.74
C ASP A 366 21.11 11.14 10.35
N ASN A 367 22.14 11.96 10.38
CA ASN A 367 22.06 13.27 11.01
C ASN A 367 22.63 14.36 10.11
N GLU A 368 22.53 14.18 8.79
CA GLU A 368 23.03 15.17 7.84
C GLU A 368 22.35 14.95 6.50
N ILE A 369 21.80 16.01 5.94
CA ILE A 369 21.25 15.94 4.59
C ILE A 369 22.39 16.17 3.61
N LEU A 370 22.62 15.19 2.72
CA LEU A 370 23.71 15.31 1.76
C LEU A 370 23.38 16.31 0.67
N TYR A 371 22.32 16.04 -0.10
CA TYR A 371 21.97 16.99 -1.16
C TYR A 371 20.50 16.87 -1.50
N ARG A 372 19.91 17.99 -1.92
CA ARG A 372 18.48 18.08 -2.17
C ARG A 372 18.24 18.77 -3.50
N ALA A 373 17.06 18.52 -4.06
CA ALA A 373 16.66 19.12 -5.33
C ALA A 373 15.15 19.37 -5.31
N GLN A 374 14.76 20.60 -5.62
CA GLN A 374 13.35 20.97 -5.63
C GLN A 374 12.66 20.41 -6.87
N LEU A 375 11.57 19.66 -6.67
CA LEU A 375 10.83 19.09 -7.78
C LEU A 375 9.84 20.07 -8.39
N ALA A 376 9.42 21.08 -7.65
CA ALA A 376 8.44 22.04 -8.13
C ALA A 376 8.74 23.39 -7.47
N SER A 377 7.77 24.29 -7.51
CA SER A 377 7.94 25.60 -6.90
C SER A 377 7.89 25.49 -5.37
N GLU A 378 8.30 26.57 -4.71
CA GLU A 378 8.37 26.59 -3.25
C GLU A 378 6.98 26.53 -2.61
N ASP A 379 5.98 27.10 -3.28
CA ASP A 379 4.62 27.14 -2.75
C ASP A 379 3.72 26.08 -3.39
N THR A 380 4.30 25.12 -4.11
CA THR A 380 3.51 24.07 -4.75
C THR A 380 3.10 23.04 -3.69
N ASN A 381 1.80 22.82 -3.55
CA ASN A 381 1.28 21.91 -2.54
C ASN A 381 1.51 20.47 -2.95
N ALA A 382 2.09 19.68 -2.04
CA ALA A 382 2.25 18.25 -2.22
C ALA A 382 1.82 17.53 -0.95
N GLN A 383 1.32 16.31 -1.10
CA GLN A 383 0.69 15.61 0.02
C GLN A 383 1.44 14.35 0.42
N LYS A 384 1.62 13.39 -0.49
CA LYS A 384 2.16 12.08 -0.13
C LYS A 384 3.15 11.64 -1.19
N THR A 385 4.34 11.23 -0.75
CA THR A 385 5.43 10.85 -1.64
C THR A 385 5.83 9.41 -1.38
N ILE A 386 6.03 8.67 -2.47
CA ILE A 386 6.46 7.27 -2.42
C ILE A 386 7.71 7.12 -3.27
N THR A 387 8.82 6.78 -2.65
CA THR A 387 10.12 6.66 -3.33
C THR A 387 10.56 5.21 -3.33
N ASN A 388 10.99 4.72 -4.50
CA ASN A 388 11.57 3.39 -4.62
C ASN A 388 12.81 3.48 -5.50
N CYS A 389 13.95 3.03 -4.97
CA CYS A 389 15.21 3.08 -5.68
C CYS A 389 15.60 1.68 -6.14
N PHE A 390 16.40 1.63 -7.21
CA PHE A 390 16.70 0.38 -7.91
C PHE A 390 17.94 0.60 -8.77
N LEU A 391 18.34 -0.46 -9.47
CA LEU A 391 19.51 -0.44 -10.35
C LEU A 391 19.04 -0.65 -11.78
N LEU A 392 19.19 0.38 -12.61
CA LEU A 392 19.00 0.27 -14.05
C LEU A 392 20.34 0.50 -14.73
N LYS A 393 20.81 -0.53 -15.45
CA LYS A 393 22.09 -0.54 -16.17
C LYS A 393 23.21 0.01 -15.29
N ASN A 394 23.43 -0.71 -14.19
CA ASN A 394 24.27 -0.43 -13.01
C ASN A 394 24.28 1.04 -12.61
N LYS A 395 23.13 1.71 -12.65
CA LYS A 395 22.98 3.05 -12.10
C LYS A 395 21.83 3.05 -11.09
N ILE A 396 22.02 3.74 -9.98
CA ILE A 396 20.97 3.85 -8.96
C ILE A 396 19.98 4.90 -9.41
N TRP A 397 18.73 4.47 -9.64
CA TRP A 397 17.64 5.35 -10.02
C TRP A 397 16.52 5.23 -9.01
N CYS A 398 15.96 6.38 -8.60
CA CYS A 398 14.86 6.40 -7.65
C CYS A 398 13.64 6.98 -8.35
N ILE A 399 12.57 6.19 -8.43
CA ILE A 399 11.30 6.63 -8.97
C ILE A 399 10.41 7.05 -7.82
N SER A 400 9.89 8.27 -7.89
CA SER A 400 9.13 8.87 -6.80
C SER A 400 7.78 9.34 -7.32
N LEU A 401 6.74 9.00 -6.60
CA LEU A 401 5.40 9.51 -6.85
C LEU A 401 5.09 10.61 -5.84
N VAL A 402 4.73 11.80 -6.33
CA VAL A 402 4.42 12.94 -5.47
C VAL A 402 3.01 13.40 -5.78
N GLU A 403 2.23 13.68 -4.73
CA GLU A 403 0.86 14.19 -4.89
C GLU A 403 0.90 15.70 -5.10
N ILE A 404 1.43 16.10 -6.25
CA ILE A 404 1.63 17.52 -6.54
C ILE A 404 0.31 18.06 -7.10
N TYR A 405 -0.31 18.98 -6.37
CA TYR A 405 -1.40 19.78 -6.90
C TYR A 405 -0.90 21.19 -7.21
N ASP A 406 -0.14 21.28 -8.30
CA ASP A 406 0.37 22.58 -8.73
C ASP A 406 -0.76 23.42 -9.31
N THR A 407 -0.65 24.74 -9.14
CA THR A 407 -1.68 25.64 -9.64
C THR A 407 -1.65 25.68 -11.17
N GLY A 408 -2.82 25.96 -11.75
CA GLY A 408 -2.95 26.08 -13.19
C GLY A 408 -3.29 24.80 -13.93
N ASP A 409 -3.45 23.68 -13.25
CA ASP A 409 -3.85 22.44 -13.90
C ASP A 409 -5.37 22.32 -13.96
N ASN A 410 -5.89 21.84 -15.07
CA ASN A 410 -7.30 21.49 -15.15
C ASN A 410 -7.57 20.04 -14.78
N VAL A 411 -6.52 19.26 -14.52
CA VAL A 411 -6.64 17.88 -14.07
C VAL A 411 -5.61 17.67 -12.96
N ILE A 412 -5.97 16.88 -11.96
CA ILE A 412 -5.13 16.66 -10.79
C ILE A 412 -4.64 15.22 -10.80
N ARG A 413 -3.32 15.03 -10.71
CA ARG A 413 -2.73 13.71 -10.77
C ARG A 413 -1.38 13.76 -10.07
N PRO A 414 -0.94 12.66 -9.48
CA PRO A 414 0.44 12.62 -8.95
C PRO A 414 1.45 12.63 -10.08
N LYS A 415 2.60 13.23 -9.80
CA LYS A 415 3.69 13.31 -10.75
C LYS A 415 4.76 12.29 -10.42
N LEU A 416 5.32 11.68 -11.46
CA LEU A 416 6.32 10.64 -11.34
C LEU A 416 7.68 11.20 -11.73
N PHE A 417 8.65 11.08 -10.83
CA PHE A 417 9.98 11.66 -11.02
C PHE A 417 11.01 10.54 -10.97
N ALA A 418 11.77 10.38 -12.05
CA ALA A 418 12.93 9.50 -12.07
C ALA A 418 14.16 10.35 -11.75
N VAL A 419 14.77 10.10 -10.61
CA VAL A 419 15.94 10.85 -10.15
C VAL A 419 17.10 9.89 -10.07
N LYS A 420 18.11 10.10 -10.90
CA LYS A 420 19.32 9.31 -10.82
C LYS A 420 20.19 9.81 -9.67
N ILE A 421 20.72 8.87 -8.89
CA ILE A 421 21.73 9.23 -7.91
C ILE A 421 22.97 9.56 -8.72
N PRO A 422 23.47 10.80 -8.66
CA PRO A 422 24.42 11.28 -9.68
C PRO A 422 25.80 10.66 -9.54
N GLU A 423 26.42 10.38 -10.70
CA GLU A 423 27.72 9.72 -10.72
C GLU A 423 28.81 10.58 -10.09
N GLN A 424 28.94 11.81 -10.53
CA GLN A 424 30.02 12.69 -10.09
C GLN A 424 29.49 13.72 -9.12
N CYS A 425 30.28 13.97 -8.08
CA CYS A 425 29.88 14.76 -6.93
C CYS A 425 30.07 16.25 -7.15
N THR A 426 30.60 16.64 -8.30
CA THR A 426 30.78 18.05 -8.64
C THR A 426 29.54 18.60 -9.32
N GLU B 1 37.36 -14.91 -4.79
CA GLU B 1 37.63 -13.56 -5.26
C GLU B 1 37.91 -13.55 -6.75
N ILE B 2 38.00 -12.35 -7.33
CA ILE B 2 38.26 -12.16 -8.75
C ILE B 2 39.73 -11.81 -8.92
N GLN B 3 40.40 -12.51 -9.83
CA GLN B 3 41.82 -12.32 -10.07
C GLN B 3 42.03 -11.32 -11.21
N MET B 4 42.72 -10.22 -10.93
CA MET B 4 43.09 -9.25 -11.94
C MET B 4 44.44 -9.65 -12.52
N THR B 5 44.47 -9.97 -13.80
CA THR B 5 45.69 -10.36 -14.48
C THR B 5 46.11 -9.22 -15.41
N GLN B 6 47.32 -8.70 -15.20
CA GLN B 6 47.84 -7.60 -15.99
C GLN B 6 48.80 -8.12 -17.05
N SER B 7 48.65 -7.63 -18.27
CA SER B 7 49.48 -8.06 -19.38
C SER B 7 49.93 -6.87 -20.21
N PRO B 8 51.18 -6.90 -20.71
CA PRO B 8 52.24 -7.88 -20.43
C PRO B 8 52.91 -7.58 -19.08
N ALA B 9 53.66 -8.54 -18.50
CA ALA B 9 54.23 -8.35 -17.17
C ALA B 9 55.27 -7.23 -17.16
N THR B 10 56.10 -7.15 -18.20
CA THR B 10 57.05 -6.07 -18.35
C THR B 10 56.95 -5.51 -19.76
N LEU B 11 57.20 -4.20 -19.89
CA LEU B 11 57.10 -3.53 -21.18
C LEU B 11 58.30 -2.61 -21.35
N SER B 12 58.65 -2.37 -22.62
CA SER B 12 59.72 -1.45 -22.98
C SER B 12 59.15 -0.41 -23.94
N VAL B 13 59.16 0.85 -23.52
CA VAL B 13 58.56 1.93 -24.29
C VAL B 13 59.63 2.99 -24.56
N THR B 14 59.85 3.28 -25.83
CA THR B 14 60.60 4.47 -26.20
C THR B 14 59.73 5.70 -25.98
N PRO B 15 60.23 6.76 -25.34
CA PRO B 15 59.41 7.94 -25.10
C PRO B 15 58.93 8.59 -26.39
N GLY B 16 57.68 9.06 -26.37
CA GLY B 16 57.01 9.54 -27.56
C GLY B 16 56.05 8.54 -28.20
N ASP B 17 55.99 7.32 -27.68
CA ASP B 17 55.15 6.27 -28.23
C ASP B 17 53.83 6.16 -27.47
N SER B 18 52.93 5.37 -28.01
CA SER B 18 51.64 5.08 -27.40
C SER B 18 51.60 3.62 -26.99
N VAL B 19 51.21 3.36 -25.75
CA VAL B 19 51.28 2.02 -25.17
C VAL B 19 49.94 1.68 -24.53
N SER B 20 49.48 0.46 -24.72
CA SER B 20 48.25 -0.04 -24.14
C SER B 20 48.55 -1.18 -23.17
N LEU B 21 47.97 -1.11 -21.97
CA LEU B 21 48.15 -2.12 -20.94
C LEU B 21 46.80 -2.80 -20.71
N SER B 22 46.80 -4.13 -20.64
CA SER B 22 45.57 -4.89 -20.54
C SER B 22 45.38 -5.44 -19.14
N CYS B 23 44.15 -5.35 -18.64
CA CYS B 23 43.76 -5.91 -17.36
C CYS B 23 42.57 -6.84 -17.60
N ARG B 24 42.71 -8.10 -17.20
CA ARG B 24 41.69 -9.10 -17.44
C ARG B 24 41.15 -9.63 -16.12
N ALA B 25 39.88 -10.02 -16.14
CA ALA B 25 39.17 -10.46 -14.95
C ALA B 25 38.68 -11.88 -15.12
N SER B 26 38.70 -12.64 -14.02
CA SER B 26 38.17 -13.99 -14.04
C SER B 26 36.65 -13.99 -14.20
N GLN B 27 35.96 -13.16 -13.42
CA GLN B 27 34.52 -12.97 -13.53
C GLN B 27 34.26 -11.74 -14.39
N SER B 28 32.99 -11.31 -14.43
CA SER B 28 32.60 -10.13 -15.18
C SER B 28 32.39 -8.98 -14.20
N ILE B 29 33.25 -7.97 -14.27
CA ILE B 29 33.10 -6.75 -13.49
C ILE B 29 32.52 -5.68 -14.40
N SER B 30 31.49 -4.99 -13.91
CA SER B 30 30.64 -4.16 -14.75
C SER B 30 31.38 -2.98 -15.38
N ASN B 31 31.81 -2.03 -14.56
CA ASN B 31 32.67 -0.95 -15.00
C ASN B 31 33.67 -0.57 -13.92
N ASN B 32 33.72 -1.34 -12.83
CA ASN B 32 34.41 -0.92 -11.61
C ASN B 32 35.80 -1.54 -11.57
N LEU B 33 36.74 -0.89 -12.28
CA LEU B 33 38.14 -1.07 -11.97
C LEU B 33 38.85 0.26 -12.16
N HIS B 34 39.89 0.46 -11.37
CA HIS B 34 40.62 1.72 -11.28
C HIS B 34 42.09 1.49 -11.58
N TRP B 35 42.67 2.44 -12.30
CA TRP B 35 44.06 2.37 -12.73
C TRP B 35 44.91 3.29 -11.88
N TYR B 36 45.97 2.73 -11.29
CA TYR B 36 46.90 3.42 -10.42
C TYR B 36 48.31 3.36 -10.99
N GLN B 37 49.11 4.37 -10.68
CA GLN B 37 50.51 4.41 -11.05
C GLN B 37 51.37 4.61 -9.81
N GLN B 38 52.45 3.86 -9.71
CA GLN B 38 53.36 3.92 -8.57
C GLN B 38 54.79 3.95 -9.08
N LYS B 39 55.57 4.92 -8.63
CA LYS B 39 56.97 5.07 -9.02
C LYS B 39 57.86 4.33 -8.04
N SER B 40 59.17 4.53 -8.15
CA SER B 40 60.13 3.87 -7.28
C SER B 40 60.13 4.55 -5.91
N HIS B 41 59.94 3.75 -4.86
CA HIS B 41 59.91 4.20 -3.45
C HIS B 41 58.86 5.29 -3.23
N GLU B 42 57.74 5.18 -3.93
CA GLU B 42 56.66 6.13 -3.83
C GLU B 42 55.35 5.37 -3.62
N SER B 43 54.43 6.02 -2.90
CA SER B 43 53.08 5.48 -2.78
C SER B 43 52.40 5.54 -4.15
N PRO B 44 51.46 4.63 -4.41
CA PRO B 44 50.71 4.71 -5.67
C PRO B 44 49.88 5.98 -5.75
N ARG B 45 49.67 6.46 -6.97
CA ARG B 45 48.78 7.58 -7.21
C ARG B 45 47.69 7.15 -8.17
N LEU B 46 46.52 7.73 -8.01
CA LEU B 46 45.38 7.36 -8.84
C LEU B 46 45.47 8.02 -10.21
N LEU B 47 45.19 7.24 -11.26
CA LEU B 47 45.12 7.74 -12.62
C LEU B 47 43.71 7.75 -13.17
N ILE B 48 43.01 6.62 -13.12
CA ILE B 48 41.70 6.46 -13.75
C ILE B 48 40.75 5.83 -12.75
N LYS B 49 39.55 6.43 -12.59
CA LYS B 49 38.52 5.85 -11.76
C LYS B 49 37.44 5.22 -12.64
N TYR B 50 37.01 4.02 -12.26
CA TYR B 50 35.90 3.30 -12.89
C TYR B 50 36.12 3.08 -14.39
N ALA B 51 37.38 2.84 -14.76
CA ALA B 51 37.84 2.35 -16.06
C ALA B 51 37.66 3.33 -17.22
N SER B 52 37.01 4.48 -17.02
CA SER B 52 36.87 5.45 -18.09
C SER B 52 37.08 6.89 -17.66
N GLN B 53 36.96 7.22 -16.38
CA GLN B 53 36.93 8.61 -15.92
C GLN B 53 38.31 9.04 -15.45
N SER B 54 38.64 10.30 -15.72
CA SER B 54 39.93 10.88 -15.36
C SER B 54 39.75 11.85 -14.19
N ILE B 55 40.72 11.86 -13.29
CA ILE B 55 40.67 12.68 -12.11
C ILE B 55 41.53 13.92 -12.31
N SER B 56 41.38 14.90 -11.41
CA SER B 56 42.11 16.15 -11.51
C SER B 56 43.59 15.95 -11.19
N GLY B 57 44.42 16.83 -11.74
CA GLY B 57 45.86 16.76 -11.55
C GLY B 57 46.56 15.75 -12.42
N ILE B 58 45.86 15.14 -13.37
CA ILE B 58 46.43 14.09 -14.21
C ILE B 58 46.41 14.56 -15.66
N PRO B 59 47.48 14.36 -16.43
CA PRO B 59 47.45 14.67 -17.86
C PRO B 59 46.44 13.80 -18.60
N SER B 60 45.90 14.34 -19.69
CA SER B 60 44.82 13.71 -20.43
C SER B 60 45.27 12.56 -21.31
N ARG B 61 46.57 12.23 -21.32
CA ARG B 61 47.05 11.12 -22.12
C ARG B 61 46.59 9.77 -21.56
N PHE B 62 46.52 9.65 -20.23
CA PHE B 62 46.07 8.42 -19.58
C PHE B 62 44.58 8.26 -19.82
N SER B 63 44.21 7.35 -20.72
CA SER B 63 42.82 7.13 -21.08
C SER B 63 42.44 5.68 -20.80
N GLY B 64 41.33 5.49 -20.09
CA GLY B 64 40.82 4.16 -19.82
C GLY B 64 39.73 3.76 -20.78
N SER B 65 39.59 2.45 -21.00
CA SER B 65 38.53 1.94 -21.85
C SER B 65 38.25 0.49 -21.48
N GLY B 66 37.11 0.00 -21.93
CA GLY B 66 36.78 -1.39 -21.75
C GLY B 66 35.72 -1.59 -20.69
N SER B 67 34.97 -2.69 -20.82
CA SER B 67 33.97 -3.08 -19.85
C SER B 67 33.82 -4.60 -19.88
N GLY B 68 33.35 -5.15 -18.76
CA GLY B 68 33.17 -6.58 -18.67
C GLY B 68 34.38 -7.32 -18.14
N THR B 69 35.17 -7.90 -19.04
CA THR B 69 36.34 -8.69 -18.65
C THR B 69 37.64 -8.02 -19.05
N ASP B 70 37.80 -7.64 -20.32
CA ASP B 70 39.03 -7.03 -20.80
C ASP B 70 38.95 -5.51 -20.67
N PHE B 71 39.97 -4.91 -20.06
CA PHE B 71 40.06 -3.48 -19.87
C PHE B 71 41.41 -3.00 -20.36
N THR B 72 41.46 -1.77 -20.87
CA THR B 72 42.67 -1.25 -21.48
C THR B 72 42.98 0.14 -20.94
N LEU B 73 44.26 0.37 -20.66
CA LEU B 73 44.77 1.70 -20.32
C LEU B 73 45.72 2.13 -21.42
N SER B 74 45.40 3.23 -22.11
CA SER B 74 46.15 3.71 -23.25
C SER B 74 46.83 5.02 -22.88
N ILE B 75 48.13 5.09 -23.15
CA ILE B 75 48.93 6.29 -22.92
C ILE B 75 49.51 6.74 -24.26
N ASN B 76 49.29 8.00 -24.60
CA ASN B 76 49.79 8.58 -25.84
C ASN B 76 50.82 9.67 -25.51
N ASN B 77 51.69 9.92 -26.49
CA ASN B 77 52.85 10.82 -26.41
C ASN B 77 53.58 10.71 -25.06
N LEU B 78 54.00 9.47 -24.77
CA LEU B 78 54.60 9.15 -23.48
C LEU B 78 55.96 9.82 -23.32
N GLU B 79 56.25 10.28 -22.11
CA GLU B 79 57.53 10.87 -21.75
C GLU B 79 58.13 10.11 -20.58
N THR B 80 59.32 10.54 -20.14
CA THR B 80 60.08 9.84 -19.11
C THR B 80 59.41 9.86 -17.73
N GLU B 81 58.42 10.72 -17.51
CA GLU B 81 57.73 10.76 -16.23
C GLU B 81 56.65 9.70 -16.08
N ASP B 82 56.39 8.91 -17.12
CA ASP B 82 55.36 7.88 -17.09
C ASP B 82 55.90 6.50 -16.78
N PHE B 83 57.19 6.37 -16.50
CA PHE B 83 57.79 5.07 -16.23
C PHE B 83 57.50 4.64 -14.78
N GLY B 84 57.09 3.40 -14.61
CA GLY B 84 56.83 2.89 -13.28
C GLY B 84 55.96 1.65 -13.33
N MET B 85 55.28 1.40 -12.22
CA MET B 85 54.40 0.25 -12.05
C MET B 85 52.95 0.71 -12.18
N TYR B 86 52.12 -0.10 -12.83
CA TYR B 86 50.72 0.24 -13.06
C TYR B 86 49.83 -0.88 -12.55
N PHE B 87 48.75 -0.51 -11.87
CA PHE B 87 47.85 -1.47 -11.24
C PHE B 87 46.42 -1.22 -11.64
N CYS B 88 45.63 -2.29 -11.69
CA CYS B 88 44.19 -2.22 -11.84
C CYS B 88 43.53 -2.90 -10.64
N GLN B 89 42.61 -2.20 -10.00
CA GLN B 89 41.90 -2.73 -8.84
C GLN B 89 40.40 -2.71 -9.09
N HIS B 90 39.73 -3.84 -8.88
CA HIS B 90 38.29 -3.91 -9.03
C HIS B 90 37.60 -3.55 -7.71
N SER B 91 36.34 -3.11 -7.82
CA SER B 91 35.63 -2.63 -6.64
C SER B 91 34.15 -3.03 -6.65
N ASP B 92 33.81 -4.20 -7.19
CA ASP B 92 32.43 -4.69 -7.12
C ASP B 92 32.30 -5.92 -6.24
N SER B 93 33.18 -6.90 -6.38
CA SER B 93 33.26 -7.98 -5.41
C SER B 93 33.91 -7.45 -4.14
N TRP B 94 33.59 -8.08 -3.01
CA TRP B 94 34.12 -7.61 -1.73
C TRP B 94 35.63 -7.72 -1.59
N PRO B 95 36.31 -8.84 -1.92
CA PRO B 95 37.78 -8.83 -1.83
C PRO B 95 38.42 -8.08 -2.98
N PHE B 96 38.58 -6.76 -2.84
CA PHE B 96 39.24 -5.95 -3.85
C PHE B 96 40.64 -6.48 -4.10
N THR B 97 40.95 -6.78 -5.36
CA THR B 97 42.22 -7.37 -5.73
C THR B 97 42.91 -6.48 -6.73
N PHE B 98 44.21 -6.28 -6.55
CA PHE B 98 45.03 -5.55 -7.50
C PHE B 98 45.57 -6.52 -8.54
N GLY B 99 46.08 -5.97 -9.64
CA GLY B 99 46.67 -6.78 -10.67
C GLY B 99 48.09 -7.20 -10.34
N SER B 100 48.65 -8.04 -11.22
CA SER B 100 50.02 -8.51 -11.03
C SER B 100 51.02 -7.38 -11.18
N GLY B 101 50.84 -6.53 -12.18
CA GLY B 101 51.70 -5.38 -12.39
C GLY B 101 52.25 -5.32 -13.79
N THR B 102 52.46 -4.09 -14.29
CA THR B 102 52.99 -3.84 -15.61
C THR B 102 54.10 -2.80 -15.51
N LYS B 103 55.14 -2.95 -16.31
CA LYS B 103 56.17 -1.94 -16.43
C LYS B 103 55.89 -1.13 -17.69
N GLN C 1 -23.34 6.98 -33.84
CA GLN C 1 -24.72 7.52 -33.71
C GLN C 1 -25.17 7.27 -32.27
N MET C 2 -24.89 6.06 -31.81
CA MET C 2 -25.14 5.66 -30.42
C MET C 2 -26.56 5.99 -30.00
N GLN C 3 -27.56 5.49 -30.71
CA GLN C 3 -28.92 5.79 -30.24
C GLN C 3 -29.18 4.87 -29.06
N LEU C 4 -29.21 5.43 -27.85
CA LEU C 4 -29.50 4.63 -26.63
C LEU C 4 -31.02 4.44 -26.63
N GLN C 5 -31.56 3.24 -26.40
CA GLN C 5 -33.03 3.17 -26.36
C GLN C 5 -33.44 2.37 -25.13
N GLU C 6 -34.25 2.92 -24.24
CA GLU C 6 -34.64 2.22 -22.99
C GLU C 6 -35.81 1.26 -23.23
N SER C 7 -36.06 0.35 -22.29
CA SER C 7 -37.24 -0.56 -22.39
C SER C 7 -37.63 -1.05 -20.99
N GLY C 8 -38.42 -2.11 -20.86
CA GLY C 8 -38.80 -2.60 -19.56
C GLY C 8 -40.27 -2.34 -19.27
N PRO C 9 -40.76 -2.86 -18.14
CA PRO C 9 -42.17 -2.65 -17.78
C PRO C 9 -42.42 -1.22 -17.33
N GLY C 10 -43.47 -0.61 -17.90
CA GLY C 10 -43.85 0.73 -17.50
C GLY C 10 -44.77 0.79 -16.30
N LEU C 11 -45.22 -0.35 -15.80
CA LEU C 11 -46.10 -0.43 -14.63
C LEU C 11 -45.58 -1.53 -13.72
N VAL C 12 -45.08 -1.15 -12.54
CA VAL C 12 -44.54 -2.11 -11.59
C VAL C 12 -45.36 -2.06 -10.31
N LYS C 13 -45.30 -3.16 -9.56
CA LYS C 13 -45.97 -3.27 -8.27
C LYS C 13 -45.12 -2.61 -7.19
N PRO C 14 -45.73 -1.93 -6.22
CA PRO C 14 -44.97 -1.37 -5.10
C PRO C 14 -44.29 -2.45 -4.27
N SER C 15 -43.14 -2.10 -3.70
CA SER C 15 -42.30 -3.00 -2.90
C SER C 15 -41.92 -4.25 -3.69
N GLN C 16 -41.43 -4.04 -4.91
CA GLN C 16 -41.05 -5.14 -5.79
C GLN C 16 -39.76 -4.73 -6.51
N SER C 17 -39.45 -5.45 -7.59
CA SER C 17 -38.25 -5.21 -8.37
C SER C 17 -38.58 -4.35 -9.58
N LEU C 18 -37.76 -3.32 -9.82
CA LEU C 18 -37.88 -2.44 -10.97
C LEU C 18 -36.69 -2.71 -11.86
N SER C 19 -36.91 -3.41 -12.97
CA SER C 19 -35.85 -3.80 -13.89
C SER C 19 -36.00 -3.02 -15.19
N LEU C 20 -34.93 -2.35 -15.62
CA LEU C 20 -34.92 -1.57 -16.84
C LEU C 20 -33.66 -1.91 -17.63
N THR C 21 -33.74 -1.75 -18.95
CA THR C 21 -32.67 -2.16 -19.84
C THR C 21 -32.40 -1.05 -20.83
N CYS C 22 -31.12 -0.77 -21.09
CA CYS C 22 -30.73 0.17 -22.14
C CYS C 22 -29.81 -0.53 -23.12
N THR C 23 -30.15 -0.42 -24.41
CA THR C 23 -29.35 -0.96 -25.50
C THR C 23 -28.69 0.18 -26.24
N VAL C 24 -27.40 0.03 -26.53
CA VAL C 24 -26.62 1.04 -27.23
C VAL C 24 -26.33 0.51 -28.63
N THR C 25 -26.71 1.27 -29.65
CA THR C 25 -26.50 0.91 -31.04
C THR C 25 -25.53 1.89 -31.69
N GLY C 26 -24.58 1.36 -32.45
CA GLY C 26 -23.58 2.17 -33.11
C GLY C 26 -22.32 2.41 -32.32
N TYR C 27 -22.22 1.89 -31.10
CA TYR C 27 -21.02 2.06 -30.30
C TYR C 27 -20.86 0.87 -29.37
N SER C 28 -19.63 0.65 -28.91
CA SER C 28 -19.31 -0.44 -28.01
C SER C 28 -19.32 0.09 -26.57
N ILE C 29 -20.01 -0.64 -25.68
CA ILE C 29 -20.10 -0.23 -24.29
C ILE C 29 -18.77 -0.37 -23.59
N THR C 30 -18.08 -1.50 -23.81
CA THR C 30 -16.82 -1.77 -23.13
C THR C 30 -15.63 -1.24 -23.91
N SER C 31 -15.73 0.02 -24.36
CA SER C 31 -14.64 0.68 -25.06
C SER C 31 -14.17 1.93 -24.34
N ASP C 32 -15.09 2.81 -23.95
CA ASP C 32 -14.75 4.06 -23.27
C ASP C 32 -16.02 4.60 -22.63
N TYR C 33 -15.86 5.70 -21.89
CA TYR C 33 -16.93 6.52 -21.33
C TYR C 33 -17.77 5.79 -20.28
N ALA C 34 -18.72 6.51 -19.68
CA ALA C 34 -19.59 5.99 -18.65
C ALA C 34 -21.04 6.10 -19.10
N TRP C 35 -21.85 5.14 -18.65
CA TRP C 35 -23.25 5.04 -19.07
C TRP C 35 -24.14 5.28 -17.85
N ASN C 36 -24.88 6.37 -17.87
CA ASN C 36 -25.66 6.87 -16.75
C ASN C 36 -27.12 6.46 -16.88
N TRP C 37 -27.76 6.26 -15.73
CA TRP C 37 -29.20 6.09 -15.63
C TRP C 37 -29.76 7.27 -14.84
N ILE C 38 -30.63 8.05 -15.48
CA ILE C 38 -31.09 9.33 -14.93
C ILE C 38 -32.61 9.35 -14.98
N ARG C 39 -33.24 9.64 -13.85
CA ARG C 39 -34.70 9.69 -13.77
C ARG C 39 -35.19 11.13 -13.68
N GLN C 40 -36.38 11.37 -14.22
CA GLN C 40 -37.04 12.68 -14.17
C GLN C 40 -38.41 12.50 -13.55
N PHE C 41 -38.68 13.24 -12.49
CA PHE C 41 -39.96 13.17 -11.82
C PHE C 41 -41.03 13.89 -12.65
N PRO C 42 -42.31 13.60 -12.40
CA PRO C 42 -43.38 14.30 -13.16
C PRO C 42 -43.42 15.80 -12.96
N ARG C 43 -42.80 16.33 -11.90
CA ARG C 43 -42.65 17.76 -11.72
C ARG C 43 -41.43 18.33 -12.45
N ASN C 44 -40.90 17.59 -13.44
CA ASN C 44 -39.74 17.97 -14.24
C ASN C 44 -38.51 18.22 -13.37
N LYS C 45 -38.32 17.39 -12.36
CA LYS C 45 -37.14 17.42 -11.50
C LYS C 45 -36.27 16.22 -11.85
N LEU C 46 -35.15 16.47 -12.53
CA LEU C 46 -34.24 15.42 -12.94
C LEU C 46 -33.36 14.99 -11.77
N GLU C 47 -33.02 13.70 -11.74
CA GLU C 47 -32.18 13.15 -10.69
C GLU C 47 -31.23 12.13 -11.30
N TRP C 48 -29.95 12.24 -10.92
CA TRP C 48 -28.94 11.27 -11.32
C TRP C 48 -28.88 10.17 -10.27
N MET C 49 -28.91 8.92 -10.72
CA MET C 49 -28.89 7.79 -9.79
C MET C 49 -27.65 6.90 -9.90
N GLY C 50 -26.96 6.91 -11.03
CA GLY C 50 -25.70 6.19 -11.10
C GLY C 50 -25.23 6.05 -12.53
N PHE C 51 -24.01 5.54 -12.66
CA PHE C 51 -23.48 5.12 -13.95
C PHE C 51 -22.65 3.86 -13.78
N ILE C 52 -22.45 3.17 -14.89
CA ILE C 52 -21.52 2.07 -15.00
C ILE C 52 -20.48 2.43 -16.05
N THR C 53 -19.21 2.26 -15.73
CA THR C 53 -18.15 2.66 -16.64
C THR C 53 -17.90 1.57 -17.67
N TYR C 54 -16.91 1.79 -18.54
CA TYR C 54 -16.57 0.82 -19.56
C TYR C 54 -15.88 -0.41 -18.96
N SER C 55 -15.18 -0.23 -17.85
CA SER C 55 -14.44 -1.31 -17.21
C SER C 55 -15.28 -2.11 -16.22
N GLY C 56 -16.54 -1.75 -16.02
CA GLY C 56 -17.41 -2.46 -15.11
C GLY C 56 -17.63 -1.79 -13.78
N SER C 57 -16.89 -0.73 -13.48
CA SER C 57 -17.08 -0.01 -12.22
C SER C 57 -18.42 0.72 -12.22
N THR C 58 -19.10 0.69 -11.09
CA THR C 58 -20.39 1.34 -10.92
C THR C 58 -20.29 2.41 -9.83
N SER C 59 -20.80 3.60 -10.12
CA SER C 59 -20.94 4.65 -9.13
C SER C 59 -22.41 4.96 -8.96
N TYR C 60 -22.87 5.06 -7.73
CA TYR C 60 -24.29 5.16 -7.44
C TYR C 60 -24.59 6.45 -6.68
N ASN C 61 -25.87 6.82 -6.69
CA ASN C 61 -26.34 7.91 -5.85
C ASN C 61 -26.24 7.50 -4.38
N PRO C 62 -25.64 8.32 -3.51
CA PRO C 62 -25.56 7.96 -2.09
C PRO C 62 -26.91 7.79 -1.42
N SER C 63 -27.93 8.54 -1.84
CA SER C 63 -29.25 8.43 -1.25
C SER C 63 -30.04 7.23 -1.76
N LEU C 64 -29.58 6.57 -2.81
CA LEU C 64 -30.24 5.38 -3.33
C LEU C 64 -29.38 4.12 -3.22
N LYS C 65 -28.23 4.22 -2.54
CA LYS C 65 -27.17 3.21 -2.62
C LYS C 65 -27.63 1.83 -2.15
N SER C 66 -28.60 1.77 -1.23
CA SER C 66 -29.04 0.48 -0.72
C SER C 66 -29.88 -0.29 -1.73
N ARG C 67 -30.49 0.40 -2.70
CA ARG C 67 -31.46 -0.23 -3.59
C ARG C 67 -31.00 -0.37 -5.03
N ILE C 68 -30.10 0.47 -5.52
CA ILE C 68 -29.82 0.54 -6.96
C ILE C 68 -28.67 -0.41 -7.28
N SER C 69 -28.79 -1.08 -8.43
CA SER C 69 -27.71 -1.93 -8.93
C SER C 69 -27.65 -1.79 -10.44
N LEU C 70 -26.51 -1.35 -10.96
CA LEU C 70 -26.28 -1.26 -12.40
C LEU C 70 -25.36 -2.39 -12.84
N THR C 71 -25.78 -3.12 -13.87
CA THR C 71 -25.01 -4.22 -14.41
C THR C 71 -24.84 -4.02 -15.91
N ARG C 72 -23.96 -4.82 -16.51
CA ARG C 72 -23.62 -4.69 -17.92
C ARG C 72 -23.77 -6.04 -18.62
N ASP C 73 -23.69 -5.98 -19.95
CA ASP C 73 -23.75 -7.18 -20.79
C ASP C 73 -22.90 -6.90 -22.02
N THR C 74 -21.69 -7.46 -22.02
CA THR C 74 -20.74 -7.22 -23.10
C THR C 74 -21.16 -7.91 -24.40
N SER C 75 -21.62 -9.15 -24.29
CA SER C 75 -21.99 -9.93 -25.47
C SER C 75 -23.19 -9.32 -26.19
N LYS C 76 -24.18 -8.86 -25.44
CA LYS C 76 -25.34 -8.19 -26.03
C LYS C 76 -25.15 -6.68 -26.14
N ASN C 77 -24.09 -6.13 -25.53
CA ASN C 77 -23.79 -4.70 -25.53
C ASN C 77 -24.95 -3.88 -24.97
N GLN C 78 -25.41 -4.26 -23.77
CA GLN C 78 -26.51 -3.60 -23.09
C GLN C 78 -26.09 -3.29 -21.65
N PHE C 79 -26.90 -2.48 -20.96
CA PHE C 79 -26.69 -2.33 -19.52
C PHE C 79 -28.02 -2.15 -18.80
N PHE C 80 -28.11 -2.76 -17.62
CA PHE C 80 -29.36 -2.95 -16.90
C PHE C 80 -29.34 -2.17 -15.59
N LEU C 81 -30.52 -1.65 -15.22
CA LEU C 81 -30.76 -0.97 -13.96
C LEU C 81 -31.74 -1.78 -13.13
N GLN C 82 -31.42 -1.98 -11.85
CA GLN C 82 -32.25 -2.75 -10.94
C GLN C 82 -32.52 -1.91 -9.69
N LEU C 83 -33.79 -1.79 -9.31
CA LEU C 83 -34.19 -1.03 -8.13
C LEU C 83 -35.04 -1.93 -7.25
N SER C 84 -34.56 -2.18 -6.03
CA SER C 84 -35.28 -3.01 -5.08
C SER C 84 -36.16 -2.16 -4.19
N SER C 85 -37.33 -2.69 -3.83
CA SER C 85 -38.33 -2.03 -2.99
C SER C 85 -38.76 -0.70 -3.59
N VAL C 86 -39.35 -0.78 -4.79
CA VAL C 86 -39.87 0.40 -5.45
C VAL C 86 -41.15 0.85 -4.74
N THR C 87 -41.25 2.14 -4.46
CA THR C 87 -42.37 2.70 -3.73
C THR C 87 -43.14 3.67 -4.63
N THR C 88 -44.10 4.38 -4.04
CA THR C 88 -45.08 5.16 -4.81
C THR C 88 -44.43 6.35 -5.50
N GLU C 89 -43.48 7.01 -4.84
CA GLU C 89 -42.88 8.21 -5.41
C GLU C 89 -41.90 7.92 -6.55
N ASP C 90 -41.53 6.65 -6.75
CA ASP C 90 -40.53 6.27 -7.74
C ASP C 90 -41.04 6.29 -9.17
N THR C 91 -42.27 6.72 -9.40
CA THR C 91 -42.77 6.87 -10.77
C THR C 91 -42.05 8.02 -11.47
N ALA C 92 -41.40 7.73 -12.60
CA ALA C 92 -40.53 8.71 -13.22
C ALA C 92 -40.25 8.29 -14.65
N THR C 93 -39.79 9.25 -15.46
CA THR C 93 -39.33 8.97 -16.80
C THR C 93 -37.83 8.69 -16.74
N TYR C 94 -37.44 7.48 -17.12
CA TYR C 94 -36.06 7.03 -16.99
C TYR C 94 -35.35 7.15 -18.33
N TYR C 95 -34.15 7.72 -18.31
CA TYR C 95 -33.32 7.89 -19.49
C TYR C 95 -31.98 7.19 -19.23
N CYS C 96 -31.42 6.62 -20.29
CA CYS C 96 -30.05 6.13 -20.25
C CYS C 96 -29.20 7.01 -21.16
N ALA C 97 -28.05 7.43 -20.65
CA ALA C 97 -27.23 8.44 -21.31
C ALA C 97 -25.78 7.98 -21.34
N ARG C 98 -25.01 8.58 -22.25
CA ARG C 98 -23.56 8.45 -22.26
C ARG C 98 -22.95 9.65 -21.57
N SER C 99 -22.01 9.41 -20.67
CA SER C 99 -21.20 10.50 -20.16
C SER C 99 -20.30 11.04 -21.26
N GLY C 100 -20.02 12.34 -21.19
CA GLY C 100 -19.28 12.99 -22.25
C GLY C 100 -17.80 12.70 -22.27
N ALA C 101 -17.03 13.57 -22.92
CA ALA C 101 -15.59 13.36 -23.02
C ALA C 101 -14.90 13.48 -21.66
N ASN C 102 -15.42 14.34 -20.78
CA ASN C 102 -14.86 14.51 -19.45
C ASN C 102 -15.73 13.87 -18.37
N TRP C 103 -16.73 13.08 -18.77
CA TRP C 103 -17.50 12.16 -17.93
C TRP C 103 -18.48 12.84 -16.98
N ASP C 104 -18.46 14.16 -16.87
CA ASP C 104 -19.37 14.84 -15.96
C ASP C 104 -20.59 15.44 -16.65
N TRP C 105 -20.67 15.35 -17.98
CA TRP C 105 -21.85 15.81 -18.70
C TRP C 105 -22.39 14.66 -19.55
N PHE C 106 -23.70 14.67 -19.77
CA PHE C 106 -24.40 13.62 -20.49
C PHE C 106 -24.65 14.09 -21.92
N ALA C 107 -23.87 13.55 -22.86
CA ALA C 107 -23.87 14.07 -24.22
C ALA C 107 -25.12 13.65 -25.00
N TYR C 108 -25.30 12.35 -25.20
CA TYR C 108 -26.53 11.84 -25.79
C TYR C 108 -27.39 11.18 -24.73
N TRP C 109 -28.70 11.27 -24.92
CA TRP C 109 -29.68 10.70 -24.01
C TRP C 109 -30.57 9.72 -24.76
N GLY C 110 -31.06 8.71 -24.05
CA GLY C 110 -32.07 7.86 -24.60
C GLY C 110 -33.43 8.53 -24.61
N GLN C 111 -34.38 7.93 -25.31
CA GLN C 111 -35.71 8.52 -25.42
C GLN C 111 -36.45 8.50 -24.09
N GLY C 112 -36.15 7.52 -23.23
CA GLY C 112 -36.76 7.47 -21.92
C GLY C 112 -38.07 6.72 -21.88
N THR C 113 -38.29 5.96 -20.82
CA THR C 113 -39.53 5.20 -20.62
C THR C 113 -40.14 5.64 -19.31
N LEU C 114 -41.46 5.89 -19.32
CA LEU C 114 -42.15 6.29 -18.10
C LEU C 114 -42.54 5.06 -17.30
N VAL C 115 -42.14 5.04 -16.03
CA VAL C 115 -42.45 3.95 -15.12
C VAL C 115 -43.42 4.49 -14.07
N THR C 116 -44.59 3.86 -13.98
CA THR C 116 -45.64 4.26 -13.06
C THR C 116 -45.83 3.18 -12.00
N VAL C 117 -45.83 3.58 -10.74
CA VAL C 117 -45.99 2.66 -9.63
C VAL C 117 -47.44 2.76 -9.16
N SER C 118 -48.25 1.78 -9.56
CA SER C 118 -49.66 1.75 -9.19
C SER C 118 -50.19 0.32 -9.23
N ASP D 1 -24.26 16.79 -0.91
CA ASP D 1 -25.48 17.04 -1.65
C ASP D 1 -25.73 18.54 -1.81
N ILE D 2 -25.42 19.06 -3.00
CA ILE D 2 -25.61 20.47 -3.29
C ILE D 2 -27.05 20.69 -3.75
N GLN D 3 -27.78 21.52 -3.02
CA GLN D 3 -29.14 21.88 -3.43
C GLN D 3 -29.08 23.00 -4.46
N MET D 4 -29.82 22.83 -5.55
CA MET D 4 -29.71 23.68 -6.72
C MET D 4 -31.04 24.39 -6.95
N THR D 5 -31.00 25.72 -7.08
CA THR D 5 -32.22 26.51 -7.24
C THR D 5 -32.02 27.52 -8.36
N GLN D 6 -32.74 27.35 -9.47
CA GLN D 6 -32.62 28.26 -10.59
C GLN D 6 -33.86 29.14 -10.70
N SER D 7 -33.66 30.39 -11.10
CA SER D 7 -34.67 31.43 -11.10
C SER D 7 -34.65 32.17 -12.43
N PRO D 8 -35.82 32.67 -12.89
CA PRO D 8 -37.16 32.47 -12.33
C PRO D 8 -37.77 31.14 -12.79
N ALA D 9 -38.67 30.58 -11.99
CA ALA D 9 -39.33 29.33 -12.39
C ALA D 9 -40.30 29.54 -13.54
N SER D 10 -40.94 30.71 -13.60
CA SER D 10 -41.87 31.07 -14.67
C SER D 10 -41.29 32.28 -15.38
N LEU D 11 -40.69 32.05 -16.55
CA LEU D 11 -40.07 33.11 -17.34
C LEU D 11 -40.67 33.11 -18.74
N ALA D 12 -41.20 34.25 -19.15
CA ALA D 12 -41.75 34.45 -20.48
C ALA D 12 -41.02 35.61 -21.15
N VAL D 13 -40.55 35.39 -22.37
CA VAL D 13 -39.78 36.39 -23.09
C VAL D 13 -40.39 36.58 -24.48
N SER D 14 -40.35 37.82 -24.96
CA SER D 14 -40.77 38.12 -26.31
C SER D 14 -39.67 37.73 -27.30
N LEU D 15 -40.03 37.69 -28.58
CA LEU D 15 -39.08 37.32 -29.61
C LEU D 15 -38.05 38.42 -29.82
N GLY D 16 -36.81 38.00 -30.07
CA GLY D 16 -35.71 38.94 -30.26
C GLY D 16 -35.31 39.70 -29.02
N GLN D 17 -35.46 39.10 -27.84
CA GLN D 17 -35.06 39.71 -26.59
C GLN D 17 -34.15 38.77 -25.81
N ARG D 18 -33.29 39.34 -24.98
CA ARG D 18 -32.35 38.55 -24.21
C ARG D 18 -33.07 37.88 -23.04
N ALA D 19 -32.89 36.56 -22.91
CA ALA D 19 -33.46 35.77 -21.83
C ALA D 19 -32.36 35.42 -20.84
N THR D 20 -32.63 35.62 -19.55
CA THR D 20 -31.63 35.45 -18.50
C THR D 20 -32.15 34.49 -17.45
N ILE D 21 -31.36 33.46 -17.14
CA ILE D 21 -31.69 32.48 -16.12
C ILE D 21 -30.52 32.38 -15.15
N SER D 22 -30.78 32.53 -13.85
CA SER D 22 -29.74 32.55 -12.83
C SER D 22 -29.88 31.34 -11.93
N CYS D 23 -28.82 30.52 -11.85
CA CYS D 23 -28.81 29.31 -11.07
C CYS D 23 -27.95 29.49 -9.82
N ARG D 24 -28.52 29.13 -8.67
CA ARG D 24 -27.87 29.18 -7.37
C ARG D 24 -27.44 27.77 -6.95
N ALA D 25 -26.17 27.62 -6.59
CA ALA D 25 -25.65 26.40 -6.00
C ALA D 25 -25.42 26.63 -4.52
N SER D 26 -25.89 25.69 -3.68
CA SER D 26 -25.79 25.87 -2.24
C SER D 26 -24.35 25.79 -1.75
N GLU D 27 -23.51 25.02 -2.43
CA GLU D 27 -22.07 24.98 -2.15
C GLU D 27 -21.31 25.49 -3.37
N SER D 28 -19.99 25.37 -3.31
CA SER D 28 -19.11 25.82 -4.39
C SER D 28 -18.80 24.64 -5.30
N VAL D 29 -18.94 24.86 -6.61
CA VAL D 29 -18.67 23.84 -7.61
C VAL D 29 -17.38 24.08 -8.38
N ASP D 30 -16.63 25.12 -8.02
CA ASP D 30 -15.32 25.37 -8.60
C ASP D 30 -14.26 24.91 -7.60
N ASN D 31 -13.44 23.93 -7.98
CA ASN D 31 -12.46 23.37 -7.06
C ASN D 31 -11.02 23.69 -7.46
N TYR D 32 -10.54 23.12 -8.57
CA TYR D 32 -9.24 23.51 -9.11
C TYR D 32 -9.35 24.31 -10.40
N GLY D 33 -10.01 25.46 -10.36
CA GLY D 33 -10.19 26.26 -11.57
C GLY D 33 -11.09 25.65 -12.62
N ASN D 34 -11.77 24.56 -12.31
CA ASN D 34 -12.73 23.92 -13.20
C ASN D 34 -14.13 24.15 -12.66
N SER D 35 -15.04 24.58 -13.53
CA SER D 35 -16.39 24.93 -13.14
C SER D 35 -17.32 23.80 -13.56
N PHE D 36 -17.78 23.01 -12.57
CA PHE D 36 -18.60 21.84 -12.85
C PHE D 36 -20.08 22.23 -12.87
N MET D 37 -20.43 22.99 -13.90
CA MET D 37 -21.80 23.45 -14.12
C MET D 37 -22.16 23.18 -15.58
N HIS D 38 -23.32 22.56 -15.79
CA HIS D 38 -23.77 22.24 -17.14
C HIS D 38 -25.21 22.69 -17.33
N TRP D 39 -25.53 23.14 -18.53
CA TRP D 39 -26.86 23.63 -18.87
C TRP D 39 -27.45 22.72 -19.94
N TYR D 40 -28.64 22.18 -19.65
CA TYR D 40 -29.34 21.23 -20.50
C TYR D 40 -30.67 21.82 -20.94
N GLN D 41 -31.05 21.54 -22.19
CA GLN D 41 -32.33 21.95 -22.75
C GLN D 41 -33.17 20.71 -23.07
N GLN D 42 -34.40 20.70 -22.56
CA GLN D 42 -35.31 19.55 -22.72
C GLN D 42 -36.59 20.05 -23.38
N LYS D 43 -36.74 19.77 -24.67
CA LYS D 43 -37.99 20.09 -25.36
C LYS D 43 -39.08 19.13 -24.89
N PRO D 44 -40.34 19.58 -24.87
CA PRO D 44 -41.43 18.72 -24.37
C PRO D 44 -41.64 17.51 -25.26
N GLY D 45 -41.62 16.32 -24.64
CA GLY D 45 -41.66 15.08 -25.38
C GLY D 45 -40.32 14.59 -25.89
N GLN D 46 -39.24 15.28 -25.55
CA GLN D 46 -37.90 14.93 -25.98
C GLN D 46 -36.99 14.81 -24.77
N PRO D 47 -35.92 14.02 -24.87
CA PRO D 47 -34.93 13.97 -23.78
C PRO D 47 -34.15 15.27 -23.70
N PRO D 48 -33.53 15.55 -22.54
CA PRO D 48 -32.71 16.76 -22.43
C PRO D 48 -31.52 16.73 -23.39
N LYS D 49 -31.18 17.90 -23.91
CA LYS D 49 -30.05 18.08 -24.81
C LYS D 49 -29.01 18.96 -24.13
N LEU D 50 -27.76 18.54 -24.19
CA LEU D 50 -26.68 19.30 -23.56
C LEU D 50 -26.43 20.58 -24.34
N LEU D 51 -26.68 21.72 -23.70
CA LEU D 51 -26.40 23.02 -24.30
C LEU D 51 -24.97 23.47 -24.00
N ILE D 52 -24.66 23.63 -22.72
CA ILE D 52 -23.38 24.18 -22.30
C ILE D 52 -22.72 23.22 -21.32
N TYR D 53 -21.47 22.88 -21.56
CA TYR D 53 -20.69 22.05 -20.65
C TYR D 53 -19.58 22.89 -20.04
N ARG D 54 -19.34 22.67 -18.74
CA ARG D 54 -18.36 23.41 -17.94
C ARG D 54 -18.64 24.92 -17.91
N ALA D 55 -19.92 25.29 -18.04
CA ALA D 55 -20.48 26.60 -17.76
C ALA D 55 -20.01 27.72 -18.70
N SER D 56 -19.07 27.43 -19.61
CA SER D 56 -18.62 28.45 -20.54
C SER D 56 -18.31 27.92 -21.93
N LYS D 57 -18.54 26.65 -22.21
CA LYS D 57 -18.18 26.04 -23.48
C LYS D 57 -19.41 25.51 -24.18
N LEU D 58 -19.47 25.70 -25.49
CA LEU D 58 -20.64 25.38 -26.29
C LEU D 58 -20.51 23.99 -26.90
N GLU D 59 -21.61 23.25 -26.92
CA GLU D 59 -21.62 21.93 -27.52
C GLU D 59 -21.53 22.03 -29.05
N SER D 60 -21.07 20.94 -29.66
CA SER D 60 -20.93 20.91 -31.11
C SER D 60 -22.30 20.85 -31.77
N GLY D 61 -22.51 21.73 -32.75
CA GLY D 61 -23.78 21.84 -33.44
C GLY D 61 -24.79 22.76 -32.77
N ILE D 62 -24.56 23.14 -31.53
CA ILE D 62 -25.47 24.04 -30.82
C ILE D 62 -25.19 25.47 -31.25
N PRO D 63 -26.21 26.27 -31.59
CA PRO D 63 -25.98 27.66 -32.01
C PRO D 63 -25.35 28.49 -30.91
N ALA D 64 -24.55 29.48 -31.32
CA ALA D 64 -23.74 30.28 -30.42
C ALA D 64 -24.52 31.34 -29.66
N ARG D 65 -25.82 31.49 -29.92
CA ARG D 65 -26.62 32.44 -29.17
C ARG D 65 -26.80 32.02 -27.72
N PHE D 66 -26.77 30.71 -27.44
CA PHE D 66 -26.81 30.21 -26.07
C PHE D 66 -25.47 30.47 -25.42
N SER D 67 -25.44 31.33 -24.40
CA SER D 67 -24.18 31.68 -23.75
C SER D 67 -24.28 31.48 -22.25
N GLY D 68 -23.37 30.68 -21.70
CA GLY D 68 -23.32 30.43 -20.27
C GLY D 68 -22.17 31.21 -19.64
N SER D 69 -22.42 31.75 -18.46
CA SER D 69 -21.40 32.52 -17.74
C SER D 69 -21.63 32.37 -16.25
N GLY D 70 -20.87 33.11 -15.46
CA GLY D 70 -20.92 33.00 -14.02
C GLY D 70 -19.96 31.95 -13.48
N SER D 71 -19.82 31.97 -12.16
CA SER D 71 -18.86 31.08 -11.51
C SER D 71 -19.23 30.92 -10.04
N ARG D 72 -18.49 30.03 -9.37
CA ARG D 72 -18.52 29.83 -7.91
C ARG D 72 -19.94 29.42 -7.53
N THR D 73 -20.67 30.21 -6.75
CA THR D 73 -22.05 29.87 -6.42
C THR D 73 -22.99 30.15 -7.59
N ASP D 74 -22.84 31.30 -8.24
CA ASP D 74 -23.89 31.84 -9.11
C ASP D 74 -23.54 31.66 -10.59
N PHE D 75 -24.47 31.09 -11.35
CA PHE D 75 -24.28 30.91 -12.77
C PHE D 75 -25.44 31.53 -13.54
N THR D 76 -25.19 31.84 -14.81
CA THR D 76 -26.17 32.52 -15.63
C THR D 76 -26.19 31.89 -17.02
N LEU D 77 -27.37 31.87 -17.62
CA LEU D 77 -27.57 31.42 -19.00
C LEU D 77 -28.33 32.50 -19.73
N THR D 78 -27.79 32.92 -20.88
CA THR D 78 -28.33 34.02 -21.66
C THR D 78 -28.64 33.55 -23.06
N ILE D 79 -29.82 33.95 -23.54
CA ILE D 79 -30.28 33.66 -24.89
C ILE D 79 -30.43 34.99 -25.60
N ASN D 80 -29.64 35.20 -26.65
CA ASN D 80 -29.64 36.47 -27.37
C ASN D 80 -29.40 36.21 -28.86
N PRO D 81 -30.45 36.25 -29.68
CA PRO D 81 -31.87 36.45 -29.33
C PRO D 81 -32.62 35.13 -29.22
N VAL D 82 -33.92 35.16 -28.94
CA VAL D 82 -34.73 33.96 -28.91
C VAL D 82 -35.48 33.84 -30.22
N GLU D 83 -36.02 32.65 -30.48
CA GLU D 83 -36.85 32.41 -31.66
C GLU D 83 -37.96 31.44 -31.25
N ALA D 84 -38.61 30.85 -32.24
CA ALA D 84 -39.67 29.86 -31.99
C ALA D 84 -39.10 28.45 -31.91
N ASP D 85 -38.01 28.30 -31.17
CA ASP D 85 -37.40 27.00 -30.92
C ASP D 85 -36.93 26.83 -29.48
N ASP D 86 -37.17 27.82 -28.61
CA ASP D 86 -36.71 27.78 -27.24
C ASP D 86 -37.81 27.39 -26.26
N VAL D 87 -38.91 26.84 -26.76
CA VAL D 87 -39.99 26.41 -25.87
C VAL D 87 -39.59 25.07 -25.27
N ALA D 88 -38.92 25.12 -24.12
CA ALA D 88 -38.33 23.92 -23.52
C ALA D 88 -38.08 24.20 -22.04
N THR D 89 -37.51 23.22 -21.36
CA THR D 89 -37.15 23.31 -19.95
C THR D 89 -35.64 23.32 -19.81
N TYR D 90 -35.12 24.28 -19.04
CA TYR D 90 -33.69 24.47 -18.91
C TYR D 90 -33.24 24.03 -17.51
N HIS D 91 -32.21 23.18 -17.46
CA HIS D 91 -31.71 22.63 -16.21
C HIS D 91 -30.25 22.98 -16.02
N CYS D 92 -29.89 23.38 -14.80
CA CYS D 92 -28.51 23.59 -14.41
C CYS D 92 -28.11 22.44 -13.49
N GLN D 93 -27.04 21.73 -13.87
CA GLN D 93 -26.59 20.53 -13.19
C GLN D 93 -25.19 20.77 -12.65
N GLN D 94 -24.97 20.38 -11.40
CA GLN D 94 -23.65 20.42 -10.79
C GLN D 94 -23.01 19.04 -10.88
N SER D 95 -21.67 19.02 -10.90
CA SER D 95 -20.94 17.77 -10.97
C SER D 95 -19.70 17.77 -10.10
N ASN D 96 -19.61 18.69 -9.13
CA ASN D 96 -18.44 18.75 -8.29
C ASN D 96 -18.44 17.67 -7.22
N GLU D 97 -19.60 17.37 -6.64
CA GLU D 97 -19.69 16.45 -5.51
C GLU D 97 -20.89 15.53 -5.69
N ASP D 98 -20.83 14.38 -5.02
CA ASP D 98 -21.89 13.38 -5.12
C ASP D 98 -23.11 13.81 -4.30
N PRO D 99 -24.32 13.60 -4.81
CA PRO D 99 -24.66 13.11 -6.16
C PRO D 99 -24.68 14.26 -7.17
N TRP D 100 -24.72 13.95 -8.46
CA TRP D 100 -24.81 14.97 -9.51
C TRP D 100 -26.26 15.47 -9.59
N THR D 101 -26.61 16.32 -8.63
CA THR D 101 -27.97 16.84 -8.57
C THR D 101 -28.22 17.83 -9.69
N PHE D 102 -29.37 17.68 -10.35
CA PHE D 102 -29.81 18.64 -11.35
C PHE D 102 -30.43 19.86 -10.67
N GLY D 103 -30.89 20.80 -11.48
CA GLY D 103 -31.67 21.93 -11.01
C GLY D 103 -33.15 21.61 -11.00
N GLY D 104 -33.95 22.67 -11.04
CA GLY D 104 -35.39 22.52 -11.09
C GLY D 104 -35.90 22.52 -12.51
N GLY D 105 -36.60 23.59 -12.88
CA GLY D 105 -37.06 23.73 -14.25
C GLY D 105 -37.42 25.17 -14.56
N THR D 106 -37.23 25.55 -15.82
CA THR D 106 -37.65 26.85 -16.33
C THR D 106 -38.65 26.59 -17.46
N LYS D 107 -39.85 27.13 -17.31
CA LYS D 107 -40.94 26.76 -18.20
C LYS D 107 -40.85 27.39 -19.59
N LEU D 108 -39.87 28.27 -19.82
CA LEU D 108 -39.75 29.02 -21.07
C LEU D 108 -39.61 28.10 -22.27
N GLN E 1 -2.65 -25.88 15.29
CA GLN E 1 -3.97 -26.48 15.41
C GLN E 1 -4.34 -26.65 16.89
N MET E 2 -5.63 -26.49 17.20
CA MET E 2 -6.10 -26.51 18.57
C MET E 2 -7.32 -27.40 18.70
N GLN E 3 -7.58 -27.83 19.94
CA GLN E 3 -8.73 -28.66 20.26
C GLN E 3 -9.42 -28.13 21.51
N LEU E 4 -10.74 -28.21 21.52
CA LEU E 4 -11.56 -27.85 22.67
C LEU E 4 -12.26 -29.10 23.18
N GLN E 5 -12.15 -29.35 24.49
CA GLN E 5 -12.73 -30.54 25.10
C GLN E 5 -13.62 -30.14 26.27
N GLU E 6 -14.90 -30.50 26.20
CA GLU E 6 -15.82 -30.21 27.29
C GLU E 6 -15.86 -31.36 28.28
N SER E 7 -15.90 -31.02 29.57
CA SER E 7 -16.02 -32.01 30.63
C SER E 7 -16.98 -31.47 31.69
N GLY E 8 -17.66 -32.40 32.36
CA GLY E 8 -18.61 -32.05 33.38
C GLY E 8 -19.55 -33.19 33.69
N PRO E 9 -20.41 -33.01 34.71
CA PRO E 9 -21.37 -34.06 35.06
C PRO E 9 -22.49 -34.15 34.03
N GLY E 10 -22.68 -35.36 33.49
CA GLY E 10 -23.74 -35.55 32.52
C GLY E 10 -25.13 -35.47 33.12
N LEU E 11 -25.30 -36.02 34.32
CA LEU E 11 -26.58 -36.02 35.01
C LEU E 11 -26.55 -34.98 36.12
N VAL E 12 -27.49 -34.05 36.07
CA VAL E 12 -27.55 -32.93 37.01
C VAL E 12 -28.96 -32.86 37.59
N LYS E 13 -29.06 -32.81 38.92
CA LYS E 13 -30.34 -32.71 39.58
C LYS E 13 -30.96 -31.34 39.32
N PRO E 14 -32.29 -31.25 39.27
CA PRO E 14 -32.93 -29.94 39.05
C PRO E 14 -32.69 -28.98 40.20
N SER E 15 -32.70 -27.69 39.86
CA SER E 15 -32.42 -26.58 40.79
C SER E 15 -31.06 -26.74 41.47
N GLN E 16 -30.07 -27.19 40.70
CA GLN E 16 -28.70 -27.33 41.16
C GLN E 16 -27.78 -26.75 40.12
N SER E 17 -26.68 -26.14 40.58
CA SER E 17 -25.73 -25.49 39.69
C SER E 17 -25.04 -26.51 38.80
N LEU E 18 -24.96 -26.20 37.50
CA LEU E 18 -24.35 -27.07 36.51
C LEU E 18 -23.03 -26.46 36.07
N SER E 19 -21.97 -27.26 36.08
CA SER E 19 -20.61 -26.80 35.81
C SER E 19 -20.03 -27.55 34.63
N LEU E 20 -19.48 -26.81 33.68
CA LEU E 20 -18.72 -27.40 32.59
C LEU E 20 -17.37 -26.70 32.48
N THR E 21 -16.32 -27.48 32.20
CA THR E 21 -15.00 -26.94 31.93
C THR E 21 -14.61 -27.33 30.51
N CYS E 22 -14.30 -26.33 29.69
CA CYS E 22 -13.81 -26.54 28.34
C CYS E 22 -12.31 -26.27 28.33
N SER E 23 -11.54 -27.34 28.12
CA SER E 23 -10.08 -27.27 28.05
C SER E 23 -9.63 -27.00 26.62
N VAL E 24 -8.64 -26.13 26.49
CA VAL E 24 -8.12 -25.68 25.21
C VAL E 24 -6.68 -26.15 25.08
N THR E 25 -6.38 -26.86 24.00
CA THR E 25 -5.03 -27.36 23.74
C THR E 25 -4.56 -26.80 22.40
N GLY E 26 -3.43 -26.10 22.41
CA GLY E 26 -2.86 -25.55 21.20
C GLY E 26 -3.11 -24.08 20.97
N TYR E 27 -3.77 -23.39 21.89
CA TYR E 27 -3.99 -21.95 21.76
C TYR E 27 -4.10 -21.35 23.16
N SER E 28 -3.90 -20.04 23.23
CA SER E 28 -3.93 -19.31 24.49
C SER E 28 -5.21 -18.49 24.61
N ILE E 29 -5.81 -18.53 25.80
CA ILE E 29 -7.07 -17.82 26.02
C ILE E 29 -6.85 -16.32 26.04
N THR E 30 -5.80 -15.86 26.75
CA THR E 30 -5.61 -14.43 26.95
C THR E 30 -5.10 -13.70 25.72
N SER E 31 -4.65 -14.42 24.69
CA SER E 31 -4.18 -13.81 23.44
C SER E 31 -4.93 -14.49 22.29
N GLY E 32 -6.10 -13.96 21.95
CA GLY E 32 -6.85 -14.59 20.89
C GLY E 32 -8.34 -14.31 20.81
N TYR E 33 -9.12 -15.39 20.76
CA TYR E 33 -10.47 -15.40 20.24
C TYR E 33 -11.49 -15.03 21.30
N TYR E 34 -12.75 -14.90 20.85
CA TYR E 34 -13.90 -14.89 21.72
C TYR E 34 -14.30 -16.33 22.00
N TRP E 35 -14.39 -16.69 23.28
CA TRP E 35 -14.66 -18.08 23.68
C TRP E 35 -16.09 -18.16 24.18
N ASN E 36 -16.93 -18.86 23.42
CA ASN E 36 -18.36 -18.91 23.66
C ASN E 36 -18.77 -20.25 24.23
N TRP E 37 -19.89 -20.23 24.93
CA TRP E 37 -20.72 -21.40 25.19
C TRP E 37 -22.00 -21.25 24.38
N ILE E 38 -22.41 -22.36 23.74
CA ILE E 38 -23.63 -22.44 22.94
C ILE E 38 -24.37 -23.71 23.34
N ARG E 39 -25.66 -23.61 23.56
CA ARG E 39 -26.49 -24.73 24.00
C ARG E 39 -27.47 -25.11 22.90
N GLN E 40 -27.54 -26.41 22.59
CA GLN E 40 -28.48 -26.93 21.60
C GLN E 40 -29.39 -27.94 22.30
N PHE E 41 -30.70 -27.71 22.22
CA PHE E 41 -31.66 -28.48 23.01
C PHE E 41 -31.91 -29.85 22.38
N SER E 42 -32.89 -30.57 22.93
CA SER E 42 -33.27 -31.88 22.39
C SER E 42 -33.80 -31.74 20.96
N GLY E 43 -34.73 -30.80 20.76
CA GLY E 43 -35.02 -30.35 19.41
C GLY E 43 -33.83 -29.60 18.85
N ASN E 44 -33.61 -29.76 17.53
CA ASN E 44 -32.41 -29.23 16.89
C ASN E 44 -32.54 -27.72 16.76
N LYS E 45 -32.32 -27.03 17.88
CA LYS E 45 -32.36 -25.57 17.93
C LYS E 45 -31.24 -25.10 18.83
N LEU E 46 -30.32 -24.32 18.26
CA LEU E 46 -29.18 -23.82 19.01
C LEU E 46 -29.51 -22.49 19.67
N GLU E 47 -29.00 -22.30 20.89
CA GLU E 47 -29.18 -21.05 21.61
C GLU E 47 -27.84 -20.63 22.18
N TRP E 48 -27.45 -19.39 21.89
CA TRP E 48 -26.13 -18.88 22.24
C TRP E 48 -26.12 -18.52 23.73
N MET E 49 -25.40 -19.33 24.53
CA MET E 49 -25.33 -19.10 25.96
C MET E 49 -24.59 -17.81 26.29
N GLY E 50 -23.41 -17.63 25.73
CA GLY E 50 -22.69 -16.40 25.95
C GLY E 50 -21.22 -16.55 25.58
N TYR E 51 -20.43 -15.54 25.96
CA TYR E 51 -19.00 -15.64 25.72
C TYR E 51 -18.22 -14.96 26.84
N ILE E 52 -16.94 -15.33 26.91
CA ILE E 52 -15.91 -14.57 27.58
C ILE E 52 -14.88 -14.16 26.54
N ASN E 53 -14.50 -12.89 26.55
CA ASN E 53 -13.52 -12.40 25.60
C ASN E 53 -12.11 -12.80 26.06
N HIS E 54 -11.14 -12.57 25.18
CA HIS E 54 -9.75 -12.85 25.53
C HIS E 54 -9.23 -11.91 26.60
N ASP E 55 -9.75 -10.67 26.65
CA ASP E 55 -9.34 -9.72 27.66
C ASP E 55 -9.94 -10.01 29.03
N GLY E 56 -11.04 -10.77 29.08
CA GLY E 56 -11.76 -11.03 30.30
C GLY E 56 -13.16 -10.43 30.35
N SER E 57 -13.56 -9.67 29.34
CA SER E 57 -14.91 -9.12 29.32
C SER E 57 -15.92 -10.23 29.03
N LYS E 58 -17.02 -10.22 29.78
CA LYS E 58 -17.99 -11.30 29.78
C LYS E 58 -19.31 -10.78 29.23
N ASN E 59 -19.89 -11.51 28.28
CA ASN E 59 -21.17 -11.11 27.71
C ASN E 59 -22.11 -12.31 27.77
N TYR E 60 -23.36 -12.04 28.13
CA TYR E 60 -24.34 -13.08 28.39
C TYR E 60 -25.59 -12.86 27.55
N ASN E 61 -26.35 -13.93 27.38
CA ASN E 61 -27.66 -13.82 26.77
C ASN E 61 -28.62 -13.14 27.74
N PRO E 62 -29.35 -12.11 27.31
CA PRO E 62 -30.35 -11.48 28.20
C PRO E 62 -31.44 -12.42 28.68
N SER E 63 -31.74 -13.49 27.94
CA SER E 63 -32.66 -14.51 28.41
C SER E 63 -32.05 -15.42 29.47
N LEU E 64 -30.74 -15.30 29.72
CA LEU E 64 -30.05 -16.15 30.68
C LEU E 64 -29.23 -15.36 31.69
N LYS E 65 -29.34 -14.02 31.70
CA LYS E 65 -28.40 -13.17 32.41
C LYS E 65 -28.43 -13.33 33.93
N ASN E 66 -29.47 -13.96 34.47
CA ASN E 66 -29.58 -14.15 35.91
C ASN E 66 -28.97 -15.45 36.41
N ARG E 67 -28.57 -16.36 35.53
CA ARG E 67 -28.10 -17.67 35.94
C ARG E 67 -26.72 -18.06 35.44
N ILE E 68 -26.17 -17.38 34.43
CA ILE E 68 -24.99 -17.85 33.72
C ILE E 68 -23.75 -17.11 34.21
N SER E 69 -22.64 -17.83 34.33
CA SER E 69 -21.33 -17.25 34.64
C SER E 69 -20.28 -17.99 33.84
N ILE E 70 -19.56 -17.25 32.98
CA ILE E 70 -18.52 -17.87 32.15
C ILE E 70 -17.15 -17.35 32.55
N THR E 71 -16.51 -18.03 33.48
CA THR E 71 -15.21 -17.58 33.97
C THR E 71 -14.10 -18.38 33.29
N ARG E 72 -12.85 -18.10 33.65
CA ARG E 72 -11.74 -18.72 32.94
C ARG E 72 -10.54 -18.87 33.86
N ASP E 73 -9.63 -19.75 33.46
CA ASP E 73 -8.34 -19.98 34.12
C ASP E 73 -7.27 -20.06 33.04
N THR E 74 -6.33 -19.12 33.08
CA THR E 74 -5.29 -19.05 32.06
C THR E 74 -4.20 -20.09 32.31
N SER E 75 -3.86 -20.35 33.58
CA SER E 75 -2.80 -21.29 33.91
C SER E 75 -3.14 -22.70 33.45
N LYS E 76 -4.40 -23.10 33.63
CA LYS E 76 -4.88 -24.37 33.09
C LYS E 76 -5.38 -24.25 31.66
N ASN E 77 -5.47 -23.02 31.13
CA ASN E 77 -5.87 -22.72 29.75
C ASN E 77 -7.25 -23.31 29.42
N GLN E 78 -8.24 -22.94 30.24
CA GLN E 78 -9.56 -23.53 30.11
C GLN E 78 -10.60 -22.63 30.75
N PHE E 79 -11.85 -22.75 30.28
CA PHE E 79 -12.87 -21.81 30.73
C PHE E 79 -14.14 -22.56 31.12
N PHE E 80 -14.85 -22.01 32.11
CA PHE E 80 -15.92 -22.68 32.81
C PHE E 80 -17.25 -21.97 32.61
N LEU E 81 -18.28 -22.78 32.36
CA LEU E 81 -19.67 -22.35 32.36
C LEU E 81 -20.33 -22.84 33.64
N LYS E 82 -20.96 -21.91 34.37
CA LYS E 82 -21.68 -22.24 35.59
C LYS E 82 -23.10 -21.71 35.48
N LEU E 83 -24.07 -22.60 35.65
CA LEU E 83 -25.49 -22.25 35.66
C LEU E 83 -25.99 -22.38 37.09
N ASN E 84 -26.45 -21.26 37.66
CA ASN E 84 -26.80 -21.24 39.08
C ASN E 84 -28.07 -22.04 39.35
N SER E 85 -29.12 -21.82 38.55
CA SER E 85 -30.38 -22.54 38.68
C SER E 85 -30.66 -23.26 37.37
N VAL E 86 -30.89 -24.57 37.46
CA VAL E 86 -31.09 -25.41 36.28
C VAL E 86 -32.43 -26.12 36.42
N THR E 87 -33.28 -25.95 35.41
CA THR E 87 -34.57 -26.62 35.34
C THR E 87 -34.50 -27.77 34.35
N THR E 88 -35.64 -28.42 34.11
CA THR E 88 -35.69 -29.54 33.19
C THR E 88 -35.60 -29.11 31.73
N GLU E 89 -35.72 -27.81 31.43
CA GLU E 89 -35.60 -27.31 30.08
C GLU E 89 -34.15 -27.10 29.66
N ASP E 90 -33.20 -27.32 30.55
CA ASP E 90 -31.78 -27.18 30.24
C ASP E 90 -31.13 -28.49 29.83
N THR E 91 -31.91 -29.55 29.66
CA THR E 91 -31.42 -30.83 29.17
C THR E 91 -31.01 -30.64 27.71
N ALA E 92 -29.71 -30.55 27.46
CA ALA E 92 -29.25 -30.10 26.16
C ALA E 92 -27.78 -30.48 26.00
N THR E 93 -27.31 -30.44 24.75
CA THR E 93 -25.89 -30.60 24.51
C THR E 93 -25.23 -29.22 24.50
N TYR E 94 -24.03 -29.15 25.07
CA TYR E 94 -23.33 -27.89 25.27
C TYR E 94 -22.03 -27.92 24.51
N TYR E 95 -21.77 -26.86 23.75
CA TYR E 95 -20.57 -26.73 22.94
C TYR E 95 -19.79 -25.51 23.41
N CYS E 96 -18.48 -25.65 23.51
CA CYS E 96 -17.59 -24.52 23.68
C CYS E 96 -16.93 -24.24 22.34
N ALA E 97 -16.92 -22.98 21.95
CA ALA E 97 -16.45 -22.61 20.61
C ALA E 97 -15.56 -21.39 20.72
N ARG E 98 -14.79 -21.16 19.65
CA ARG E 98 -14.04 -19.92 19.51
C ARG E 98 -14.45 -19.25 18.20
N ASP E 99 -14.48 -17.92 18.22
CA ASP E 99 -14.72 -17.16 16.99
C ASP E 99 -14.16 -15.76 17.20
N TYR E 100 -14.55 -14.83 16.34
CA TYR E 100 -14.04 -13.47 16.39
C TYR E 100 -15.14 -12.44 16.62
N GLY E 101 -16.30 -12.88 17.12
CA GLY E 101 -17.38 -11.96 17.39
C GLY E 101 -18.10 -11.51 16.14
N SER E 102 -18.37 -10.21 16.03
CA SER E 102 -19.02 -9.63 14.87
C SER E 102 -18.06 -9.32 13.73
N TYR E 103 -16.88 -9.94 13.75
CA TYR E 103 -15.88 -9.76 12.71
C TYR E 103 -16.37 -10.37 11.39
N TYR E 104 -15.78 -9.90 10.29
CA TYR E 104 -16.13 -10.42 8.98
C TYR E 104 -15.68 -11.87 8.82
N TYR E 105 -14.60 -12.26 9.49
CA TYR E 105 -14.06 -13.61 9.41
C TYR E 105 -14.17 -14.23 10.80
N PRO E 106 -15.26 -14.92 11.11
CA PRO E 106 -15.39 -15.48 12.46
C PRO E 106 -14.51 -16.69 12.70
N MET E 107 -14.45 -17.61 11.73
CA MET E 107 -13.74 -18.89 11.84
C MET E 107 -14.18 -19.64 13.09
N ASP E 108 -15.46 -19.99 13.10
CA ASP E 108 -16.06 -20.74 14.20
C ASP E 108 -15.51 -22.16 14.21
N TYR E 109 -14.71 -22.48 15.22
CA TYR E 109 -14.32 -23.85 15.49
C TYR E 109 -15.00 -24.27 16.78
N TRP E 110 -15.75 -25.36 16.73
CA TRP E 110 -16.61 -25.79 17.82
C TRP E 110 -16.09 -27.08 18.43
N GLY E 111 -16.19 -27.19 19.75
CA GLY E 111 -15.94 -28.45 20.40
C GLY E 111 -17.06 -29.43 20.16
N GLN E 112 -16.78 -30.71 20.45
CA GLN E 112 -17.75 -31.75 20.15
C GLN E 112 -18.97 -31.71 21.06
N GLY E 113 -18.88 -31.05 22.21
CA GLY E 113 -20.03 -30.86 23.06
C GLY E 113 -20.36 -32.05 23.94
N THR E 114 -20.93 -31.78 25.11
CA THR E 114 -21.37 -32.84 26.02
C THR E 114 -22.86 -32.70 26.28
N SER E 115 -23.56 -33.82 26.30
CA SER E 115 -25.01 -33.84 26.46
C SER E 115 -25.34 -33.88 27.94
N VAL E 116 -25.64 -32.73 28.51
CA VAL E 116 -26.05 -32.64 29.91
C VAL E 116 -27.53 -32.99 30.02
N THR E 117 -27.85 -33.99 30.83
CA THR E 117 -29.22 -34.43 31.05
C THR E 117 -29.66 -33.98 32.45
N VAL E 118 -30.81 -33.32 32.52
CA VAL E 118 -31.36 -32.83 33.76
C VAL E 118 -32.64 -33.61 34.04
N SER E 119 -32.62 -34.43 35.08
CA SER E 119 -33.76 -35.26 35.46
C SER E 119 -33.59 -35.68 36.91
N SER E 120 -34.42 -36.60 37.36
CA SER E 120 -34.35 -37.11 38.72
C SER E 120 -34.61 -38.62 38.75
N GLU F 1 -34.19 -9.19 20.88
CA GLU F 1 -33.45 -10.28 20.21
C GLU F 1 -33.94 -10.44 18.77
N ILE F 2 -33.11 -10.13 17.77
CA ILE F 2 -33.54 -10.24 16.36
C ILE F 2 -33.92 -11.70 16.17
N VAL F 3 -35.10 -12.01 15.68
CA VAL F 3 -35.54 -13.43 15.63
C VAL F 3 -35.51 -13.90 14.19
N LEU F 4 -34.56 -14.75 13.81
CA LEU F 4 -34.46 -15.26 12.42
C LEU F 4 -35.38 -16.45 12.24
N THR F 5 -35.78 -16.75 11.01
CA THR F 5 -36.63 -17.93 10.74
C THR F 5 -36.26 -18.49 9.37
N GLN F 6 -36.22 -19.80 9.17
CA GLN F 6 -35.83 -20.33 7.84
C GLN F 6 -37.07 -20.91 7.19
N SER F 7 -37.40 -20.39 6.01
CA SER F 7 -38.76 -20.66 5.48
C SER F 7 -39.13 -22.12 5.20
N PRO F 8 -38.30 -23.01 4.64
CA PRO F 8 -38.76 -24.39 4.44
C PRO F 8 -38.23 -25.15 5.67
N PRO F 9 -38.99 -25.44 6.74
CA PRO F 9 -38.42 -26.04 7.94
C PRO F 9 -37.83 -27.43 7.77
N ILE F 10 -38.27 -28.17 6.75
CA ILE F 10 -37.69 -29.50 6.45
C ILE F 10 -37.66 -29.64 4.94
N MET F 11 -36.78 -28.87 4.28
CA MET F 11 -36.66 -28.80 2.81
C MET F 11 -36.33 -30.19 2.26
N SER F 12 -36.94 -30.61 1.16
CA SER F 12 -36.60 -31.94 0.61
C SER F 12 -35.99 -31.78 -0.77
N ALA F 13 -34.83 -32.39 -1.00
CA ALA F 13 -34.16 -32.25 -2.31
C ALA F 13 -33.78 -33.63 -2.83
N SER F 14 -34.18 -33.97 -4.06
CA SER F 14 -33.73 -35.20 -4.79
C SER F 14 -32.32 -34.87 -5.24
N PRO F 15 -31.10 -35.75 -5.40
CA PRO F 15 -29.70 -35.39 -5.62
C PRO F 15 -29.44 -34.95 -7.04
N GLY F 16 -28.69 -33.84 -7.17
CA GLY F 16 -28.34 -33.28 -8.45
C GLY F 16 -29.15 -32.07 -8.86
N GLU F 17 -30.24 -31.75 -8.15
CA GLU F 17 -31.09 -30.63 -8.48
C GLU F 17 -30.68 -29.39 -7.70
N LYS F 18 -30.97 -28.22 -8.27
CA LYS F 18 -30.66 -26.97 -7.62
C LYS F 18 -31.58 -26.75 -6.42
N VAL F 19 -30.99 -26.38 -5.28
CA VAL F 19 -31.70 -26.25 -4.02
C VAL F 19 -31.34 -24.93 -3.36
N THR F 20 -32.33 -24.27 -2.77
CA THR F 20 -32.16 -22.97 -2.14
C THR F 20 -32.83 -22.97 -0.78
N ILE F 21 -32.10 -22.49 0.24
CA ILE F 21 -32.60 -22.39 1.60
C ILE F 21 -32.51 -20.94 2.03
N THR F 22 -33.64 -20.41 2.52
CA THR F 22 -33.78 -18.99 2.82
C THR F 22 -33.87 -18.77 4.33
N CYS F 23 -33.20 -17.73 4.82
CA CYS F 23 -33.29 -17.29 6.21
C CYS F 23 -33.86 -15.89 6.25
N SER F 24 -34.93 -15.70 7.04
CA SER F 24 -35.62 -14.42 7.14
C SER F 24 -35.43 -13.86 8.54
N ALA F 25 -35.14 -12.56 8.62
CA ALA F 25 -34.81 -11.89 9.86
C ALA F 25 -35.92 -10.93 10.27
N SER F 26 -36.06 -10.74 11.59
CA SER F 26 -37.06 -9.83 12.13
C SER F 26 -36.67 -8.37 11.99
N SER F 27 -35.39 -8.08 11.79
CA SER F 27 -34.93 -6.71 11.57
C SER F 27 -33.70 -6.77 10.67
N SER F 28 -33.15 -5.59 10.36
CA SER F 28 -32.03 -5.51 9.43
C SER F 28 -30.75 -6.02 10.09
N VAL F 29 -30.05 -6.91 9.38
CA VAL F 29 -28.77 -7.46 9.83
C VAL F 29 -27.78 -7.38 8.68
N THR F 30 -26.54 -7.02 9.00
CA THR F 30 -25.51 -6.91 7.96
C THR F 30 -25.00 -8.27 7.52
N PHE F 31 -24.83 -9.20 8.44
CA PHE F 31 -24.24 -10.51 8.17
C PHE F 31 -25.25 -11.62 8.40
N MET F 32 -25.00 -12.76 7.76
CA MET F 32 -25.79 -13.96 8.02
C MET F 32 -24.91 -15.18 7.75
N HIS F 33 -24.31 -15.71 8.81
CA HIS F 33 -23.50 -16.91 8.69
C HIS F 33 -24.39 -18.14 8.59
N TRP F 34 -23.89 -19.15 7.90
CA TRP F 34 -24.60 -20.40 7.68
C TRP F 34 -23.75 -21.53 8.23
N PHE F 35 -24.34 -22.31 9.11
CA PHE F 35 -23.70 -23.43 9.79
C PHE F 35 -24.31 -24.73 9.32
N GLN F 36 -23.46 -25.72 9.02
CA GLN F 36 -23.90 -27.06 8.67
C GLN F 36 -23.68 -27.98 9.86
N GLN F 37 -24.70 -28.75 10.22
CA GLN F 37 -24.62 -29.70 11.33
C GLN F 37 -25.15 -31.04 10.88
N LYS F 38 -24.36 -32.07 11.07
CA LYS F 38 -24.82 -33.42 10.87
C LYS F 38 -25.15 -34.07 12.20
N PRO F 39 -26.06 -35.06 12.23
CA PRO F 39 -26.35 -35.76 13.50
C PRO F 39 -25.11 -36.44 14.06
N GLY F 40 -24.95 -36.33 15.38
CA GLY F 40 -23.74 -36.82 16.02
C GLY F 40 -22.50 -36.03 15.70
N THR F 41 -22.64 -34.75 15.37
CA THR F 41 -21.52 -33.92 14.96
C THR F 41 -21.85 -32.48 15.30
N SER F 42 -20.87 -31.77 15.87
CA SER F 42 -21.05 -30.37 16.19
C SER F 42 -21.20 -29.53 14.91
N PRO F 43 -21.95 -28.43 14.97
CA PRO F 43 -22.11 -27.59 13.77
C PRO F 43 -20.80 -26.96 13.34
N LYS F 44 -20.62 -26.89 12.02
CA LYS F 44 -19.43 -26.31 11.41
C LYS F 44 -19.83 -25.11 10.59
N LEU F 45 -19.02 -24.05 10.66
CA LEU F 45 -19.24 -22.85 9.87
C LEU F 45 -19.10 -23.18 8.39
N TRP F 46 -20.15 -22.91 7.61
CA TRP F 46 -20.19 -23.28 6.21
C TRP F 46 -20.09 -22.07 5.28
N ILE F 47 -20.86 -21.01 5.55
CA ILE F 47 -20.82 -19.80 4.73
C ILE F 47 -20.74 -18.62 5.69
N PHE F 48 -19.56 -18.04 5.84
CA PHE F 48 -19.44 -16.90 6.72
C PHE F 48 -19.73 -15.60 5.95
N SER F 49 -19.88 -14.51 6.70
CA SER F 49 -20.33 -13.21 6.20
C SER F 49 -21.69 -13.40 5.54
N THR F 50 -21.84 -13.13 4.25
CA THR F 50 -23.08 -13.42 3.54
C THR F 50 -22.88 -14.40 2.41
N SER F 51 -21.92 -14.14 1.52
CA SER F 51 -21.68 -14.99 0.36
C SER F 51 -20.32 -15.68 0.40
N ASN F 52 -19.56 -15.54 1.47
CA ASN F 52 -18.21 -16.07 1.54
C ASN F 52 -18.25 -17.53 1.99
N LEU F 53 -17.72 -18.42 1.15
CA LEU F 53 -17.61 -19.82 1.52
C LEU F 53 -16.52 -20.00 2.56
N ALA F 54 -16.74 -20.90 3.51
CA ALA F 54 -15.76 -21.14 4.55
C ALA F 54 -14.67 -22.07 4.05
N SER F 55 -13.72 -22.40 4.92
CA SER F 55 -12.60 -23.25 4.55
C SER F 55 -13.06 -24.70 4.39
N GLY F 56 -12.71 -25.31 3.27
CA GLY F 56 -13.06 -26.69 2.99
C GLY F 56 -14.44 -26.90 2.42
N VAL F 57 -15.23 -25.85 2.28
CA VAL F 57 -16.59 -25.96 1.75
C VAL F 57 -16.51 -26.09 0.23
N PRO F 58 -17.24 -27.02 -0.38
CA PRO F 58 -17.21 -27.15 -1.84
C PRO F 58 -17.78 -25.93 -2.55
N ALA F 59 -17.33 -25.74 -3.78
CA ALA F 59 -17.69 -24.55 -4.56
C ALA F 59 -19.13 -24.56 -5.05
N ARG F 60 -19.85 -25.67 -4.91
CA ARG F 60 -21.25 -25.72 -5.32
C ARG F 60 -22.12 -24.83 -4.44
N PHE F 61 -21.71 -24.63 -3.18
CA PHE F 61 -22.44 -23.74 -2.29
C PHE F 61 -22.22 -22.29 -2.69
N SER F 62 -23.27 -21.48 -2.56
CA SER F 62 -23.18 -20.06 -2.88
C SER F 62 -24.16 -19.30 -1.99
N GLY F 63 -23.63 -18.40 -1.17
CA GLY F 63 -24.48 -17.55 -0.36
C GLY F 63 -24.96 -16.33 -1.10
N SER F 64 -26.08 -15.79 -0.64
CA SER F 64 -26.67 -14.60 -1.25
C SER F 64 -27.61 -13.96 -0.24
N GLY F 65 -28.05 -12.75 -0.56
CA GLY F 65 -29.04 -12.07 0.25
C GLY F 65 -28.60 -10.71 0.76
N SER F 66 -29.57 -9.92 1.21
CA SER F 66 -29.29 -8.58 1.72
C SER F 66 -30.43 -8.18 2.66
N GLY F 67 -30.12 -7.25 3.56
CA GLY F 67 -31.10 -6.76 4.50
C GLY F 67 -31.56 -7.78 5.51
N THR F 68 -32.81 -8.24 5.40
CA THR F 68 -33.36 -9.23 6.30
C THR F 68 -33.57 -10.60 5.65
N SER F 69 -33.36 -10.72 4.35
CA SER F 69 -33.53 -11.98 3.64
C SER F 69 -32.20 -12.44 3.08
N TYR F 70 -31.82 -13.67 3.40
CA TYR F 70 -30.57 -14.27 2.93
C TYR F 70 -30.85 -15.69 2.45
N SER F 71 -30.01 -16.16 1.53
CA SER F 71 -30.22 -17.45 0.90
C SER F 71 -28.93 -18.26 0.87
N LEU F 72 -29.08 -19.57 0.99
CA LEU F 72 -28.02 -20.54 0.76
C LEU F 72 -28.40 -21.35 -0.47
N THR F 73 -27.51 -21.39 -1.47
CA THR F 73 -27.82 -22.01 -2.75
C THR F 73 -26.76 -23.04 -3.09
N ILE F 74 -27.20 -24.26 -3.39
CA ILE F 74 -26.34 -25.32 -3.93
C ILE F 74 -26.78 -25.57 -5.36
N SER F 75 -25.84 -25.47 -6.31
CA SER F 75 -26.16 -25.67 -7.71
C SER F 75 -26.46 -27.13 -8.01
N ARG F 76 -25.60 -28.03 -7.54
CA ARG F 76 -25.72 -29.47 -7.82
C ARG F 76 -25.44 -30.22 -6.52
N MET F 77 -26.50 -30.52 -5.77
CA MET F 77 -26.35 -31.18 -4.49
C MET F 77 -25.94 -32.64 -4.68
N GLU F 78 -24.97 -33.08 -3.88
CA GLU F 78 -24.54 -34.46 -3.87
C GLU F 78 -25.09 -35.16 -2.62
N ALA F 79 -24.68 -36.42 -2.43
CA ALA F 79 -25.18 -37.21 -1.31
C ALA F 79 -24.61 -36.75 0.03
N GLU F 80 -23.52 -35.99 0.01
CA GLU F 80 -22.84 -35.57 1.23
C GLU F 80 -23.43 -34.30 1.83
N ASP F 81 -24.45 -33.72 1.21
CA ASP F 81 -25.01 -32.44 1.64
C ASP F 81 -26.31 -32.59 2.41
N ALA F 82 -26.61 -33.79 2.91
CA ALA F 82 -27.80 -34.04 3.72
C ALA F 82 -27.46 -33.72 5.17
N ALA F 83 -27.70 -32.47 5.56
CA ALA F 83 -27.38 -32.00 6.90
C ALA F 83 -28.47 -31.02 7.34
N THR F 84 -28.18 -30.27 8.40
CA THR F 84 -29.09 -29.25 8.92
C THR F 84 -28.37 -27.90 8.85
N TYR F 85 -29.01 -26.93 8.21
CA TYR F 85 -28.39 -25.63 7.96
C TYR F 85 -29.06 -24.57 8.82
N TYR F 86 -28.24 -23.82 9.55
CA TYR F 86 -28.71 -22.76 10.43
C TYR F 86 -28.15 -21.42 9.99
N CYS F 87 -28.92 -20.37 10.18
CA CYS F 87 -28.47 -19.00 9.93
C CYS F 87 -28.26 -18.28 11.26
N GLN F 88 -27.14 -17.59 11.37
CA GLN F 88 -26.79 -16.86 12.57
C GLN F 88 -26.49 -15.41 12.23
N GLN F 89 -27.10 -14.51 12.98
CA GLN F 89 -26.83 -13.08 12.87
C GLN F 89 -25.86 -12.69 13.97
N ARG F 90 -24.93 -11.80 13.65
CA ARG F 90 -23.99 -11.29 14.64
C ARG F 90 -23.94 -9.76 14.64
N SER F 91 -24.97 -9.11 14.09
CA SER F 91 -25.01 -7.65 14.08
C SER F 91 -25.29 -7.11 15.48
N SER F 92 -26.25 -7.68 16.19
CA SER F 92 -26.64 -7.21 17.50
C SER F 92 -26.78 -8.40 18.45
N TYR F 93 -26.35 -8.21 19.69
CA TYR F 93 -26.48 -9.25 20.69
C TYR F 93 -27.94 -9.35 21.14
N PRO F 94 -28.45 -10.56 21.41
CA PRO F 94 -27.78 -11.88 21.39
C PRO F 94 -27.71 -12.49 19.99
N PHE F 95 -26.96 -13.58 19.84
CA PHE F 95 -26.87 -14.28 18.57
C PHE F 95 -27.97 -15.33 18.51
N THR F 96 -28.59 -15.48 17.34
CA THR F 96 -29.76 -16.33 17.18
C THR F 96 -29.57 -17.28 16.01
N PHE F 97 -30.24 -18.43 16.09
CA PHE F 97 -30.11 -19.50 15.11
C PHE F 97 -31.49 -19.82 14.50
N GLY F 98 -31.54 -20.89 13.70
CA GLY F 98 -32.78 -21.36 13.10
C GLY F 98 -32.94 -22.86 13.13
N SER F 99 -33.38 -23.46 12.03
CA SER F 99 -33.57 -24.91 11.90
C SER F 99 -33.54 -25.25 10.41
N GLY F 100 -33.86 -26.50 10.07
CA GLY F 100 -34.02 -26.87 8.68
C GLY F 100 -33.04 -27.90 8.14
N THR F 101 -33.53 -29.11 7.87
CA THR F 101 -32.71 -30.24 7.49
C THR F 101 -32.79 -30.51 5.98
N LYS F 102 -32.11 -31.56 5.55
CA LYS F 102 -32.12 -32.01 4.16
C LYS F 102 -32.45 -33.48 4.09
N LEU F 103 -32.91 -33.92 2.92
CA LEU F 103 -33.26 -35.31 2.69
C LEU F 103 -32.55 -35.82 1.45
N GLU F 104 -32.33 -37.15 1.41
CA GLU F 104 -31.58 -37.75 0.32
C GLU F 104 -32.36 -37.70 -0.99
N ILE F 105 -33.61 -38.12 -0.97
CA ILE F 105 -34.44 -38.12 -2.18
C ILE F 105 -35.63 -37.18 -1.99
N GLU G 1 44.42 20.59 2.50
CA GLU G 1 44.86 19.46 1.63
C GLU G 1 44.57 18.16 2.36
N VAL G 2 44.07 17.15 1.67
CA VAL G 2 43.78 15.85 2.35
C VAL G 2 45.11 15.13 2.48
N LYS G 3 45.60 14.98 3.69
CA LYS G 3 46.92 14.35 3.89
C LYS G 3 46.76 13.22 4.89
N LEU G 4 47.19 12.00 4.55
CA LEU G 4 47.14 10.85 5.47
C LEU G 4 48.61 10.60 5.84
N GLU G 5 48.94 10.50 7.12
CA GLU G 5 50.34 10.34 7.60
C GLU G 5 50.52 9.02 8.32
N GLU G 6 51.45 8.18 7.88
CA GLU G 6 51.59 6.84 8.46
C GLU G 6 52.68 6.80 9.55
N SER G 7 52.46 6.01 10.60
CA SER G 7 53.45 5.89 11.70
C SER G 7 54.75 5.34 11.11
N GLY G 8 55.90 5.85 11.56
CA GLY G 8 57.22 5.53 10.99
C GLY G 8 57.63 4.07 11.07
N PRO G 9 58.37 3.55 10.06
CA PRO G 9 58.79 2.15 9.95
C PRO G 9 59.17 1.42 11.25
N GLU G 10 58.58 0.24 11.41
CA GLU G 10 58.75 -0.64 12.56
C GLU G 10 59.92 -1.59 12.38
N LEU G 11 60.23 -2.30 13.46
CA LEU G 11 61.27 -3.34 13.50
C LEU G 11 60.81 -4.37 14.54
N VAL G 12 60.12 -5.41 14.08
CA VAL G 12 59.39 -6.30 14.97
C VAL G 12 60.00 -7.69 14.91
N LYS G 13 60.15 -8.33 16.08
CA LYS G 13 60.56 -9.73 16.13
C LYS G 13 59.38 -10.64 15.80
N PRO G 14 59.65 -11.83 15.25
CA PRO G 14 58.56 -12.76 14.94
C PRO G 14 57.82 -13.24 16.19
N GLY G 15 56.52 -13.44 16.03
CA GLY G 15 55.66 -13.88 17.11
C GLY G 15 55.07 -12.76 17.95
N ALA G 16 55.50 -11.53 17.76
CA ALA G 16 55.01 -10.40 18.54
C ALA G 16 53.77 -9.81 17.86
N SER G 17 53.37 -8.62 18.30
CA SER G 17 52.26 -7.89 17.70
C SER G 17 52.70 -6.46 17.42
N VAL G 18 52.12 -5.88 16.38
CA VAL G 18 52.50 -4.55 15.91
C VAL G 18 51.24 -3.72 15.68
N LYS G 19 51.30 -2.45 16.08
CA LYS G 19 50.21 -1.51 15.85
C LYS G 19 50.74 -0.31 15.10
N MET G 20 50.17 -0.05 13.92
CA MET G 20 50.50 1.12 13.11
C MET G 20 49.37 2.13 13.15
N SER G 21 49.74 3.40 13.03
CA SER G 21 48.81 4.51 13.12
C SER G 21 48.80 5.26 11.79
N CYS G 22 47.67 5.89 11.49
CA CYS G 22 47.58 6.78 10.34
C CYS G 22 46.66 7.93 10.70
N LYS G 23 47.19 9.15 10.62
CA LYS G 23 46.48 10.36 11.01
C LYS G 23 45.96 11.07 9.76
N ALA G 24 44.69 11.46 9.80
CA ALA G 24 44.03 12.13 8.68
C ALA G 24 43.80 13.59 9.05
N SER G 25 44.21 14.49 8.16
CA SER G 25 44.07 15.92 8.40
C SER G 25 43.60 16.61 7.13
N GLY G 26 42.97 17.77 7.31
CA GLY G 26 42.52 18.59 6.21
C GLY G 26 41.08 18.36 5.77
N TYR G 27 40.35 17.46 6.43
CA TYR G 27 38.99 17.16 6.02
C TYR G 27 38.21 16.59 7.20
N THR G 28 36.90 16.49 7.02
CA THR G 28 36.03 15.87 8.02
C THR G 28 36.29 14.38 8.05
N PHE G 29 36.89 13.90 9.15
CA PHE G 29 37.43 12.55 9.19
C PHE G 29 36.34 11.48 9.18
N THR G 30 35.15 11.79 9.71
CA THR G 30 34.08 10.82 9.84
C THR G 30 33.12 10.83 8.66
N ASN G 31 33.59 11.21 7.46
CA ASN G 31 32.76 11.20 6.27
C ASN G 31 33.22 10.25 5.19
N TYR G 32 34.51 9.91 5.15
CA TYR G 32 35.06 8.96 4.20
C TYR G 32 35.69 7.82 4.99
N VAL G 33 35.60 6.61 4.44
CA VAL G 33 36.18 5.44 5.11
C VAL G 33 37.69 5.50 4.88
N MET G 34 38.43 4.63 5.58
CA MET G 34 39.87 4.57 5.41
C MET G 34 40.26 3.11 5.20
N HIS G 35 40.95 2.84 4.10
CA HIS G 35 41.37 1.50 3.74
C HIS G 35 42.83 1.28 4.14
N TRP G 36 43.18 0.02 4.34
CA TRP G 36 44.55 -0.40 4.59
C TRP G 36 44.91 -1.46 3.57
N VAL G 37 46.04 -1.25 2.89
CA VAL G 37 46.49 -2.05 1.75
C VAL G 37 47.94 -2.47 2.00
N LYS G 38 48.26 -3.73 1.70
CA LYS G 38 49.61 -4.27 1.88
C LYS G 38 50.35 -4.30 0.55
N GLN G 39 51.66 -4.10 0.61
CA GLN G 39 52.52 -4.28 -0.55
C GLN G 39 53.83 -4.92 -0.10
N LYS G 40 54.07 -6.14 -0.58
CA LYS G 40 55.37 -6.76 -0.38
C LYS G 40 56.39 -6.11 -1.31
N PRO G 41 57.67 -6.06 -0.90
CA PRO G 41 58.70 -5.48 -1.77
C PRO G 41 58.91 -6.33 -3.01
N GLY G 42 58.74 -5.70 -4.17
CA GLY G 42 58.84 -6.41 -5.44
C GLY G 42 57.63 -7.21 -5.84
N GLN G 43 56.50 -7.04 -5.15
CA GLN G 43 55.28 -7.79 -5.43
C GLN G 43 54.12 -6.82 -5.58
N GLY G 44 52.96 -7.37 -5.91
CA GLY G 44 51.77 -6.56 -6.12
C GLY G 44 51.11 -6.16 -4.81
N LEU G 45 50.12 -5.26 -4.94
CA LEU G 45 49.40 -4.76 -3.79
C LEU G 45 48.29 -5.71 -3.38
N GLU G 46 48.05 -5.81 -2.07
CA GLU G 46 46.98 -6.62 -1.52
C GLU G 46 46.13 -5.75 -0.61
N TRP G 47 44.83 -5.68 -0.91
CA TRP G 47 43.90 -4.91 -0.09
C TRP G 47 43.58 -5.69 1.17
N ILE G 48 43.86 -5.10 2.33
CA ILE G 48 43.63 -5.79 3.60
C ILE G 48 42.20 -5.52 4.05
N GLY G 49 41.83 -4.26 4.19
CA GLY G 49 40.47 -4.00 4.61
C GLY G 49 40.25 -2.56 4.99
N TYR G 50 38.97 -2.21 5.11
CA TYR G 50 38.59 -0.84 5.37
C TYR G 50 37.89 -0.71 6.72
N VAL G 51 37.92 0.52 7.24
CA VAL G 51 37.19 0.90 8.44
C VAL G 51 36.41 2.17 8.15
N ASN G 52 35.13 2.18 8.52
CA ASN G 52 34.30 3.36 8.41
C ASN G 52 34.30 4.08 9.76
N PRO G 53 34.89 5.27 9.85
CA PRO G 53 34.92 5.98 11.14
C PRO G 53 33.58 6.59 11.55
N TYR G 54 32.62 6.69 10.64
CA TYR G 54 31.32 7.27 10.99
C TYR G 54 30.56 6.34 11.92
N ASN G 55 30.69 5.03 11.74
CA ASN G 55 30.06 4.05 12.62
C ASN G 55 31.02 2.96 13.06
N ASP G 56 32.33 3.16 12.84
CA ASP G 56 33.38 2.18 13.18
C ASP G 56 33.12 0.83 12.53
N GLY G 57 32.67 0.84 11.27
CA GLY G 57 32.33 -0.40 10.60
C GLY G 57 33.46 -0.95 9.76
N THR G 58 33.99 -2.11 10.15
CA THR G 58 35.18 -2.67 9.52
C THR G 58 34.81 -3.84 8.62
N GLN G 59 35.59 -4.01 7.55
CA GLN G 59 35.47 -5.20 6.70
C GLN G 59 36.85 -5.57 6.20
N TYR G 60 37.19 -6.85 6.32
CA TYR G 60 38.54 -7.35 6.09
C TYR G 60 38.57 -8.27 4.89
N ASN G 61 39.78 -8.54 4.42
CA ASN G 61 40.00 -9.61 3.46
C ASN G 61 39.88 -10.96 4.15
N GLU G 62 39.61 -11.99 3.35
CA GLU G 62 39.54 -13.35 3.90
C GLU G 62 40.90 -13.82 4.38
N LYS G 63 41.97 -13.44 3.67
CA LYS G 63 43.31 -13.82 4.07
C LYS G 63 43.79 -13.03 5.29
N PHE G 64 43.21 -11.85 5.54
CA PHE G 64 43.65 -10.98 6.62
C PHE G 64 42.61 -10.85 7.73
N ARG G 65 41.59 -11.71 7.75
CA ARG G 65 40.53 -11.57 8.73
C ARG G 65 41.01 -11.93 10.13
N ASP G 66 41.69 -13.07 10.27
CA ASP G 66 42.24 -13.50 11.55
C ASP G 66 43.62 -12.92 11.82
N LYS G 67 44.15 -12.13 10.90
CA LYS G 67 45.51 -11.61 10.98
C LYS G 67 45.57 -10.16 11.44
N ALA G 68 44.61 -9.33 11.04
CA ALA G 68 44.63 -7.91 11.32
C ALA G 68 43.30 -7.47 11.93
N THR G 69 43.38 -6.45 12.77
CA THR G 69 42.18 -5.75 13.24
C THR G 69 42.36 -4.25 13.01
N LEU G 70 41.26 -3.58 12.67
CA LEU G 70 41.27 -2.17 12.31
C LEU G 70 40.37 -1.41 13.28
N THR G 71 40.94 -0.41 13.94
CA THR G 71 40.18 0.48 14.82
C THR G 71 40.31 1.91 14.33
N SER G 72 39.52 2.80 14.91
CA SER G 72 39.61 4.21 14.60
C SER G 72 39.07 5.03 15.77
N ASP G 73 39.54 6.27 15.88
CA ASP G 73 38.98 7.20 16.84
C ASP G 73 38.87 8.58 16.21
N LYS G 74 37.72 9.22 16.42
CA LYS G 74 37.47 10.57 15.96
C LYS G 74 37.95 11.63 16.93
N SER G 75 38.38 11.23 18.14
CA SER G 75 38.96 12.18 19.07
C SER G 75 40.29 12.72 18.55
N SER G 76 41.11 11.85 17.97
CA SER G 76 42.37 12.24 17.34
C SER G 76 42.32 12.16 15.83
N SER G 77 41.17 11.77 15.26
CA SER G 77 40.96 11.63 13.81
C SER G 77 41.99 10.68 13.19
N THR G 78 42.12 9.50 13.79
CA THR G 78 43.20 8.59 13.47
C THR G 78 42.64 7.18 13.29
N VAL G 79 43.24 6.42 12.38
CA VAL G 79 42.93 5.00 12.24
C VAL G 79 44.14 4.19 12.72
N TYR G 80 43.86 3.01 13.24
CA TYR G 80 44.87 2.12 13.80
C TYR G 80 44.72 0.73 13.20
N MET G 81 45.85 0.07 13.00
CA MET G 81 45.89 -1.32 12.55
C MET G 81 46.75 -2.14 13.50
N GLU G 82 46.23 -3.29 13.93
CA GLU G 82 46.97 -4.19 14.80
C GLU G 82 47.09 -5.55 14.14
N LEU G 83 48.33 -6.00 13.96
CA LEU G 83 48.64 -7.35 13.49
C LEU G 83 49.23 -8.16 14.64
N ASN G 84 48.86 -9.44 14.71
CA ASN G 84 49.30 -10.31 15.79
C ASN G 84 49.88 -11.59 15.21
N SER G 85 50.89 -12.11 15.90
CA SER G 85 51.64 -13.33 15.56
C SER G 85 52.06 -13.34 14.09
N LEU G 86 52.90 -12.38 13.74
CA LEU G 86 53.32 -12.22 12.34
C LEU G 86 54.40 -13.24 11.99
N THR G 87 54.12 -14.03 10.96
CA THR G 87 55.15 -14.82 10.31
C THR G 87 56.14 -13.88 9.61
N SER G 88 57.37 -14.36 9.41
CA SER G 88 58.42 -13.54 8.80
C SER G 88 58.13 -13.16 7.34
N GLU G 89 57.05 -13.68 6.75
CA GLU G 89 56.58 -13.25 5.44
C GLU G 89 55.74 -11.97 5.49
N ASP G 90 55.81 -11.21 6.59
CA ASP G 90 55.09 -9.95 6.73
C ASP G 90 55.98 -8.73 6.63
N SER G 91 57.22 -8.90 6.19
CA SER G 91 58.11 -7.77 5.97
C SER G 91 57.63 -7.02 4.72
N ALA G 92 56.83 -5.98 4.94
CA ALA G 92 56.13 -5.34 3.84
C ALA G 92 55.78 -3.91 4.23
N VAL G 93 55.36 -3.13 3.25
CA VAL G 93 54.93 -1.75 3.47
C VAL G 93 53.41 -1.72 3.46
N TYR G 94 52.84 -0.84 4.27
CA TYR G 94 51.40 -0.73 4.46
C TYR G 94 50.97 0.70 4.16
N TYR G 95 49.87 0.82 3.44
CA TYR G 95 49.34 2.12 3.02
C TYR G 95 47.95 2.32 3.61
N CYS G 96 47.72 3.50 4.19
CA CYS G 96 46.39 3.95 4.56
C CYS G 96 45.88 4.86 3.45
N THR G 97 44.74 4.51 2.88
CA THR G 97 44.15 5.24 1.76
C THR G 97 42.78 5.77 2.14
N ARG G 98 42.36 6.81 1.44
CA ARG G 98 41.04 7.40 1.63
C ARG G 98 40.13 6.93 0.49
N GLY G 99 39.03 6.28 0.84
CA GLY G 99 38.05 5.92 -0.17
C GLY G 99 37.22 7.12 -0.58
N ASP G 100 37.26 7.42 -1.88
CA ASP G 100 36.48 8.49 -2.48
C ASP G 100 35.67 7.89 -3.63
N TYR G 101 34.65 8.63 -4.09
CA TYR G 101 33.74 8.19 -5.16
C TYR G 101 33.12 6.85 -4.78
N PRO G 102 32.01 6.88 -4.00
CA PRO G 102 31.83 6.02 -2.83
C PRO G 102 33.10 5.81 -2.05
N TYR G 103 33.49 4.56 -1.81
CA TYR G 103 34.51 4.30 -0.81
C TYR G 103 35.57 3.32 -1.28
N TRP G 104 35.61 2.99 -2.58
CA TRP G 104 36.51 1.94 -3.06
C TRP G 104 37.50 2.44 -4.10
N VAL G 105 37.62 3.75 -4.28
CA VAL G 105 38.65 4.34 -5.14
C VAL G 105 39.65 5.04 -4.25
N PHE G 106 40.91 4.61 -4.32
CA PHE G 106 41.94 5.09 -3.41
C PHE G 106 42.69 6.24 -4.08
N GLU G 107 42.11 7.45 -3.98
CA GLU G 107 42.77 8.62 -4.53
C GLU G 107 43.89 9.10 -3.62
N VAL G 108 43.56 9.44 -2.38
CA VAL G 108 44.53 9.94 -1.42
C VAL G 108 45.19 8.74 -0.74
N TRP G 109 46.51 8.65 -0.85
CA TRP G 109 47.29 7.58 -0.25
C TRP G 109 48.21 8.14 0.82
N GLY G 110 48.47 7.33 1.84
CA GLY G 110 49.42 7.69 2.85
C GLY G 110 50.85 7.55 2.34
N ALA G 111 51.79 7.94 3.21
CA ALA G 111 53.21 7.82 2.84
C ALA G 111 53.64 6.36 2.74
N GLY G 112 53.03 5.48 3.53
CA GLY G 112 53.40 4.08 3.52
C GLY G 112 54.44 3.76 4.58
N THR G 113 54.06 2.99 5.59
CA THR G 113 54.98 2.62 6.66
C THR G 113 55.38 1.16 6.50
N THR G 114 56.66 0.89 6.59
CA THR G 114 57.17 -0.46 6.37
C THR G 114 57.50 -1.13 7.69
N VAL G 115 57.16 -2.42 7.78
CA VAL G 115 57.49 -3.24 8.93
C VAL G 115 58.33 -4.42 8.45
N THR G 116 59.31 -4.79 9.27
CA THR G 116 60.17 -5.93 9.00
C THR G 116 60.06 -6.89 10.17
N VAL G 117 59.64 -8.12 9.88
CA VAL G 117 59.46 -9.16 10.89
C VAL G 117 60.57 -10.18 10.75
N SER G 118 61.65 -10.00 11.52
CA SER G 118 62.80 -10.88 11.45
C SER G 118 63.53 -10.86 12.79
N SER G 119 64.33 -11.89 13.01
CA SER G 119 65.10 -12.01 14.25
C SER G 119 66.56 -11.61 14.02
#